data_7FBH
#
_entry.id   7FBH
#
_cell.length_a   85.666
_cell.length_b   118.670
_cell.length_c   196.111
_cell.angle_alpha   90.000
_cell.angle_beta   90.000
_cell.angle_gamma   90.000
#
_symmetry.space_group_name_H-M   'I 2 2 2'
#
loop_
_entity.id
_entity.type
_entity.pdbx_description
1 polymer BezA
2 non-polymer '4-(2-HYDROXYETHYL)-1-PIPERAZINE ETHANESULFONIC ACID'
3 non-polymer GLYCEROL
4 non-polymer LYSINE
5 non-polymer 1,2-ETHANEDIOL
6 water water
#
_entity_poly.entity_id   1
_entity_poly.type   'polypeptide(L)'
_entity_poly.pdbx_seq_one_letter_code
;MSNLDELASSRQTVLEPQDEVRIVGQYYDDKTAKLVRKYGPGPRIHYHVGYYPSSEAPRHTRDVTPDAFRRSIRLHQEGL
LRYAAKIWGAEHRLSGRILDVGCGLGGGSLFWAQEYGADVTAVTNAPEHAPIVEGFARECGVGGRVRTLVCDAMHLPLDG
GPYDAAVAIESSGYFDRPVWFERLAHVLRPGGSVCIEEVFTTRPHGADVWAEYFYTKPATVLDYAEAAKAAGFELVDDVD
ATSETLPFWEESTAWTKAVLDSDSTLSAVDRRQLRISLMANQALGAEWQAGGLRLGFLRFERK
;
_entity_poly.pdbx_strand_id   A,B,C
#
loop_
_chem_comp.id
_chem_comp.type
_chem_comp.name
_chem_comp.formula
EDO non-polymer 1,2-ETHANEDIOL 'C2 H6 O2'
EPE non-polymer '4-(2-HYDROXYETHYL)-1-PIPERAZINE ETHANESULFONIC ACID' 'C8 H18 N2 O4 S'
GOL non-polymer GLYCEROL 'C3 H8 O3'
#
# COMPACT_ATOMS: atom_id res chain seq x y z
N TYR A 28 3.86 38.77 -13.64
CA TYR A 28 3.51 38.01 -12.44
C TYR A 28 3.47 38.89 -11.21
N ASP A 29 2.32 38.97 -10.54
CA ASP A 29 2.31 39.59 -9.23
C ASP A 29 3.01 38.68 -8.22
N ASP A 30 3.12 39.14 -6.97
CA ASP A 30 4.08 38.53 -6.07
C ASP A 30 3.69 37.11 -5.72
N LYS A 31 2.43 36.89 -5.39
CA LYS A 31 2.01 35.56 -4.97
C LYS A 31 2.02 34.58 -6.14
N THR A 32 1.65 35.05 -7.33
CA THR A 32 1.75 34.21 -8.52
C THR A 32 3.20 33.84 -8.83
N ALA A 33 4.11 34.80 -8.71
CA ALA A 33 5.53 34.53 -8.99
C ALA A 33 6.07 33.43 -8.10
N LYS A 34 5.67 33.43 -6.81
CA LYS A 34 6.11 32.38 -5.90
C LYS A 34 5.54 31.03 -6.30
N LEU A 35 4.28 30.99 -6.71
CA LEU A 35 3.70 29.76 -7.24
C LEU A 35 4.47 29.29 -8.47
N VAL A 36 4.74 30.20 -9.41
CA VAL A 36 5.44 29.83 -10.63
C VAL A 36 6.86 29.35 -10.31
N ARG A 37 7.51 29.93 -9.29
CA ARG A 37 8.85 29.47 -8.93
C ARG A 37 8.83 28.00 -8.52
N LYS A 38 7.80 27.57 -7.81
CA LYS A 38 7.74 26.21 -7.27
C LYS A 38 7.13 25.22 -8.25
N TYR A 39 6.14 25.60 -9.03
CA TYR A 39 5.45 24.63 -9.86
C TYR A 39 5.89 24.68 -11.32
N GLY A 40 7.10 25.22 -11.56
CA GLY A 40 7.85 25.02 -12.78
C GLY A 40 7.40 26.06 -13.77
N PRO A 41 8.11 26.21 -14.87
CA PRO A 41 7.73 27.22 -15.84
C PRO A 41 6.58 26.75 -16.71
N GLY A 42 5.95 27.71 -17.40
CA GLY A 42 4.96 27.40 -18.40
C GLY A 42 5.46 26.41 -19.45
N PRO A 43 4.56 25.99 -20.35
CA PRO A 43 3.18 26.48 -20.50
C PRO A 43 2.16 25.81 -19.58
N ARG A 44 2.43 24.60 -19.09
CA ARG A 44 1.50 23.87 -18.23
C ARG A 44 1.94 23.98 -16.78
N ILE A 45 1.24 24.79 -16.01
CA ILE A 45 1.58 25.03 -14.61
C ILE A 45 0.42 24.54 -13.75
N HIS A 46 0.71 23.63 -12.84
CA HIS A 46 -0.31 22.93 -12.06
C HIS A 46 -0.23 23.36 -10.60
N TYR A 47 -1.39 23.47 -9.97
CA TYR A 47 -1.51 23.87 -8.58
C TYR A 47 -2.45 22.89 -7.86
N HIS A 48 -1.95 21.69 -7.61
CA HIS A 48 -2.69 20.61 -6.94
C HIS A 48 -1.66 19.54 -6.57
N VAL A 49 -2.09 18.59 -5.73
CA VAL A 49 -1.16 17.57 -5.28
C VAL A 49 -0.71 16.71 -6.46
N GLY A 50 0.36 15.93 -6.28
CA GLY A 50 0.80 15.00 -7.29
C GLY A 50 0.37 13.59 -6.93
N TYR A 51 0.38 12.70 -7.92
CA TYR A 51 -0.10 11.33 -7.78
C TYR A 51 1.06 10.35 -7.94
N TYR A 52 1.18 9.44 -6.98
CA TYR A 52 2.31 8.50 -6.90
C TYR A 52 1.73 7.10 -6.88
N PRO A 53 1.65 6.43 -8.03
CA PRO A 53 0.91 5.16 -8.11
C PRO A 53 1.36 4.13 -7.09
N SER A 54 2.63 4.14 -6.71
CA SER A 54 3.16 3.17 -5.77
C SER A 54 3.06 3.62 -4.32
N SER A 55 2.61 4.85 -4.06
CA SER A 55 2.49 5.43 -2.72
C SER A 55 3.84 5.60 -2.05
N GLU A 56 4.92 5.54 -2.79
CA GLU A 56 6.26 5.79 -2.27
C GLU A 56 6.79 7.11 -2.84
N ALA A 57 7.43 7.91 -1.98
CA ALA A 57 8.16 9.06 -2.49
C ALA A 57 9.34 8.59 -3.33
N PRO A 58 9.68 9.30 -4.41
CA PRO A 58 10.92 9.00 -5.13
C PRO A 58 12.11 9.16 -4.21
N ARG A 59 13.09 8.28 -4.39
CA ARG A 59 14.34 8.39 -3.66
C ARG A 59 15.29 9.22 -4.51
N HIS A 60 15.55 10.45 -4.08
CA HIS A 60 16.48 11.34 -4.78
C HIS A 60 17.86 11.09 -4.19
N THR A 61 18.63 10.21 -4.86
CA THR A 61 19.83 9.63 -4.29
C THR A 61 21.11 10.35 -4.71
N ARG A 62 21.05 11.28 -5.67
CA ARG A 62 22.24 12.01 -6.11
C ARG A 62 22.00 13.51 -6.29
N ASP A 63 20.98 13.90 -7.05
CA ASP A 63 20.65 15.31 -7.25
C ASP A 63 19.54 15.67 -6.27
N VAL A 64 19.88 16.47 -5.25
CA VAL A 64 18.89 16.92 -4.25
C VAL A 64 18.78 18.44 -4.32
N THR A 65 18.97 18.98 -5.50
CA THR A 65 18.86 20.40 -5.72
C THR A 65 17.39 20.80 -5.79
N PRO A 66 17.06 22.07 -5.49
CA PRO A 66 15.66 22.51 -5.63
C PRO A 66 15.04 22.13 -6.96
N ASP A 67 15.77 22.26 -8.06
CA ASP A 67 15.19 21.95 -9.36
C ASP A 67 14.85 20.47 -9.49
N ALA A 68 15.62 19.58 -8.85
CA ALA A 68 15.31 18.15 -8.96
C ALA A 68 13.98 17.83 -8.27
N PHE A 69 13.74 18.41 -7.10
CA PHE A 69 12.44 18.21 -6.47
C PHE A 69 11.33 18.87 -7.27
N ARG A 70 11.61 20.03 -7.89
CA ARG A 70 10.58 20.72 -8.67
C ARG A 70 10.16 19.87 -9.86
N ARG A 71 11.13 19.32 -10.59
CA ARG A 71 10.79 18.54 -11.76
C ARG A 71 10.01 17.28 -11.37
N SER A 72 10.38 16.67 -10.25
CA SER A 72 9.65 15.49 -9.78
C SER A 72 8.22 15.86 -9.37
N ILE A 73 8.03 16.97 -8.66
CA ILE A 73 6.67 17.39 -8.30
C ILE A 73 5.82 17.59 -9.57
N ARG A 74 6.37 18.30 -10.54
CA ARG A 74 5.66 18.51 -11.80
C ARG A 74 5.37 17.20 -12.50
N LEU A 75 6.35 16.29 -12.53
CA LEU A 75 6.12 15.00 -13.18
C LEU A 75 4.90 14.31 -12.62
N HIS A 76 4.75 14.33 -11.29
CA HIS A 76 3.64 13.64 -10.65
C HIS A 76 2.35 14.46 -10.61
N GLN A 77 2.42 15.78 -10.75
CA GLN A 77 1.21 16.56 -11.01
C GLN A 77 0.63 16.21 -12.37
N GLU A 78 1.50 16.15 -13.39
CA GLU A 78 1.04 15.66 -14.68
C GLU A 78 0.50 14.24 -14.56
N GLY A 79 1.15 13.40 -13.73
CA GLY A 79 0.66 12.06 -13.52
C GLY A 79 -0.71 12.01 -12.85
N LEU A 80 -1.03 13.01 -12.03
CA LEU A 80 -2.37 13.10 -11.46
C LEU A 80 -3.41 13.27 -12.56
N LEU A 81 -3.14 14.16 -13.53
CA LEU A 81 -4.11 14.37 -14.61
C LEU A 81 -4.21 13.16 -15.51
N ARG A 82 -3.10 12.49 -15.80
CA ARG A 82 -3.17 11.28 -16.60
C ARG A 82 -3.96 10.19 -15.86
N TYR A 83 -3.76 10.07 -14.55
CA TYR A 83 -4.53 9.08 -13.81
C TYR A 83 -6.02 9.44 -13.84
N ALA A 84 -6.33 10.71 -13.61
CA ALA A 84 -7.72 11.17 -13.67
C ALA A 84 -8.32 10.88 -15.05
N ALA A 85 -7.58 11.18 -16.11
CA ALA A 85 -8.05 10.91 -17.47
C ALA A 85 -8.35 9.44 -17.65
N LYS A 86 -7.54 8.58 -17.04
CA LYS A 86 -7.76 7.15 -17.14
C LYS A 86 -9.04 6.74 -16.43
N ILE A 87 -9.16 7.04 -15.13
CA ILE A 87 -10.33 6.54 -14.43
C ILE A 87 -11.63 7.21 -14.87
N TRP A 88 -11.57 8.43 -15.42
CA TRP A 88 -12.78 9.13 -15.85
C TRP A 88 -13.12 8.87 -17.31
N GLY A 89 -12.32 8.07 -18.02
CA GLY A 89 -12.52 7.84 -19.45
C GLY A 89 -12.55 9.13 -20.25
N ALA A 90 -11.49 9.94 -20.13
CA ALA A 90 -11.43 11.24 -20.78
C ALA A 90 -11.60 11.14 -22.30
N GLU A 91 -11.16 10.03 -22.89
CA GLU A 91 -11.27 9.85 -24.34
C GLU A 91 -12.66 10.18 -24.82
N HIS A 92 -13.68 9.67 -24.12
CA HIS A 92 -15.05 9.96 -24.52
C HIS A 92 -15.82 10.92 -23.60
N ARG A 93 -15.34 11.19 -22.38
CA ARG A 93 -16.10 12.02 -21.44
C ARG A 93 -15.57 13.44 -21.30
N LEU A 94 -14.29 13.67 -21.58
CA LEU A 94 -13.69 14.98 -21.39
C LEU A 94 -13.04 15.46 -22.68
N SER A 95 -13.51 14.99 -23.82
CA SER A 95 -12.95 15.40 -25.10
C SER A 95 -13.89 16.30 -25.88
N GLY A 96 -15.00 16.72 -25.27
CA GLY A 96 -15.96 17.61 -25.91
C GLY A 96 -15.84 19.03 -25.42
N ARG A 97 -16.97 19.63 -25.07
CA ARG A 97 -17.01 21.01 -24.56
C ARG A 97 -17.15 20.93 -23.04
N ILE A 98 -16.11 21.34 -22.32
CA ILE A 98 -16.06 21.11 -20.89
C ILE A 98 -15.78 22.42 -20.17
N LEU A 99 -16.24 22.50 -18.91
CA LEU A 99 -15.91 23.55 -17.97
C LEU A 99 -14.77 23.08 -17.09
N ASP A 100 -13.73 23.91 -16.96
CA ASP A 100 -12.65 23.68 -16.01
C ASP A 100 -12.81 24.71 -14.89
N VAL A 101 -13.39 24.29 -13.79
CA VAL A 101 -13.80 25.21 -12.73
C VAL A 101 -12.67 25.38 -11.74
N GLY A 102 -12.30 26.64 -11.50
CA GLY A 102 -11.12 26.95 -10.70
C GLY A 102 -9.88 26.43 -11.40
N CYS A 103 -9.48 27.08 -12.50
CA CYS A 103 -8.44 26.56 -13.39
C CYS A 103 -7.02 26.92 -12.97
N GLY A 104 -6.83 27.72 -11.92
CA GLY A 104 -5.49 28.09 -11.52
C GLY A 104 -4.78 28.85 -12.62
N LEU A 105 -3.57 28.41 -12.98
CA LEU A 105 -2.82 29.03 -14.07
C LEU A 105 -2.96 28.25 -15.38
N GLY A 106 -3.98 27.40 -15.49
CA GLY A 106 -4.33 26.79 -16.76
C GLY A 106 -3.74 25.42 -17.03
N GLY A 107 -2.89 24.92 -16.13
CA GLY A 107 -2.24 23.63 -16.35
C GLY A 107 -3.21 22.53 -16.77
N GLY A 108 -4.28 22.35 -16.00
CA GLY A 108 -5.26 21.34 -16.37
C GLY A 108 -6.05 21.71 -17.61
N SER A 109 -6.37 23.00 -17.77
CA SER A 109 -7.09 23.46 -18.96
C SER A 109 -6.34 23.06 -20.22
N LEU A 110 -5.03 23.34 -20.26
CA LEU A 110 -4.24 23.02 -21.44
C LEU A 110 -4.16 21.51 -21.65
N PHE A 111 -4.18 20.76 -20.56
CA PHE A 111 -4.05 19.32 -20.65
C PHE A 111 -5.25 18.70 -21.36
N TRP A 112 -6.47 19.08 -20.95
CA TRP A 112 -7.64 18.52 -21.62
C TRP A 112 -7.71 18.96 -23.07
N ALA A 113 -7.33 20.21 -23.33
CA ALA A 113 -7.37 20.75 -24.69
C ALA A 113 -6.36 20.04 -25.59
N GLN A 114 -5.11 19.90 -25.12
CA GLN A 114 -4.06 19.29 -25.93
C GLN A 114 -4.20 17.77 -25.99
N GLU A 115 -4.25 17.12 -24.83
CA GLU A 115 -4.22 15.67 -24.78
C GLU A 115 -5.56 15.03 -25.11
N TYR A 116 -6.65 15.78 -25.16
CA TYR A 116 -7.93 15.16 -25.46
C TYR A 116 -8.80 16.01 -26.37
N GLY A 117 -8.28 17.09 -26.93
CA GLY A 117 -9.01 17.85 -27.93
C GLY A 117 -10.23 18.56 -27.40
N ALA A 118 -10.32 18.77 -26.08
CA ALA A 118 -11.46 19.42 -25.47
C ALA A 118 -11.51 20.90 -25.83
N ASP A 119 -12.72 21.42 -25.99
CA ASP A 119 -12.97 22.86 -26.05
C ASP A 119 -13.27 23.31 -24.64
N VAL A 120 -12.35 24.05 -24.03
CA VAL A 120 -12.35 24.29 -22.60
C VAL A 120 -12.76 25.72 -22.31
N THR A 121 -13.76 25.86 -21.45
CA THR A 121 -14.08 27.14 -20.80
C THR A 121 -13.45 27.09 -19.41
N ALA A 122 -12.37 27.85 -19.22
CA ALA A 122 -11.64 27.87 -17.95
C ALA A 122 -12.15 28.99 -17.06
N VAL A 123 -12.53 28.65 -15.84
CA VAL A 123 -13.17 29.58 -14.92
C VAL A 123 -12.21 29.84 -13.77
N THR A 124 -11.85 31.11 -13.56
CA THR A 124 -11.05 31.51 -12.40
C THR A 124 -11.71 32.67 -11.69
N ASN A 125 -11.36 32.85 -10.41
CA ASN A 125 -11.78 34.03 -9.67
C ASN A 125 -10.68 35.08 -9.59
N ALA A 126 -9.57 34.88 -10.30
CA ALA A 126 -8.43 35.80 -10.27
C ALA A 126 -8.26 36.47 -11.63
N PRO A 127 -8.68 37.73 -11.78
CA PRO A 127 -8.64 38.35 -13.11
C PRO A 127 -7.24 38.36 -13.72
N GLU A 128 -6.20 38.48 -12.91
CA GLU A 128 -4.83 38.52 -13.43
C GLU A 128 -4.36 37.17 -13.95
N HIS A 129 -5.06 36.08 -13.64
CA HIS A 129 -4.68 34.78 -14.19
C HIS A 129 -5.28 34.52 -15.55
N ALA A 130 -6.38 35.19 -15.89
CA ALA A 130 -7.00 35.00 -17.21
C ALA A 130 -6.04 35.27 -18.36
N PRO A 131 -5.25 36.35 -18.39
CA PRO A 131 -4.31 36.51 -19.52
C PRO A 131 -3.24 35.43 -19.56
N ILE A 132 -2.86 34.90 -18.40
CA ILE A 132 -1.81 33.87 -18.37
C ILE A 132 -2.31 32.60 -19.04
N VAL A 133 -3.50 32.13 -18.65
CA VAL A 133 -4.08 30.93 -19.24
C VAL A 133 -4.20 31.09 -20.76
N GLU A 134 -4.77 32.22 -21.21
CA GLU A 134 -4.96 32.42 -22.64
C GLU A 134 -3.63 32.46 -23.38
N GLY A 135 -2.62 33.12 -22.79
CA GLY A 135 -1.31 33.17 -23.42
C GLY A 135 -0.68 31.81 -23.62
N PHE A 136 -0.62 31.01 -22.55
CA PHE A 136 -0.06 29.67 -22.67
C PHE A 136 -0.87 28.79 -23.61
N ALA A 137 -2.20 28.97 -23.65
CA ALA A 137 -2.99 28.21 -24.60
C ALA A 137 -2.61 28.57 -26.04
N ARG A 138 -2.36 29.85 -26.32
CA ARG A 138 -1.91 30.22 -27.65
C ARG A 138 -0.51 29.68 -27.93
N GLU A 139 0.34 29.60 -26.90
CA GLU A 139 1.68 29.05 -27.10
C GLU A 139 1.65 27.55 -27.37
N CYS A 140 0.66 26.84 -26.82
CA CYS A 140 0.46 25.42 -27.10
C CYS A 140 -0.37 25.15 -28.36
N GLY A 141 -0.76 26.19 -29.10
CA GLY A 141 -1.55 25.99 -30.29
C GLY A 141 -2.98 25.58 -30.04
N VAL A 142 -3.56 25.94 -28.90
CA VAL A 142 -4.95 25.61 -28.61
C VAL A 142 -5.69 26.87 -28.21
N GLY A 143 -5.13 28.03 -28.54
CA GLY A 143 -5.76 29.27 -28.17
C GLY A 143 -7.21 29.40 -28.62
N GLY A 144 -7.57 28.71 -29.71
CA GLY A 144 -8.94 28.73 -30.18
C GLY A 144 -9.90 27.88 -29.37
N ARG A 145 -9.39 26.93 -28.59
CA ARG A 145 -10.21 26.01 -27.82
C ARG A 145 -10.05 26.19 -26.31
N VAL A 146 -9.46 27.30 -25.87
CA VAL A 146 -9.42 27.65 -24.45
C VAL A 146 -9.86 29.09 -24.32
N ARG A 147 -10.96 29.33 -23.60
CA ARG A 147 -11.35 30.68 -23.22
C ARG A 147 -11.54 30.76 -21.72
N THR A 148 -11.31 31.94 -21.16
CA THR A 148 -11.42 32.16 -19.73
C THR A 148 -12.64 33.00 -19.39
N LEU A 149 -13.36 32.59 -18.35
CA LEU A 149 -14.32 33.43 -17.66
C LEU A 149 -13.79 33.69 -16.26
N VAL A 150 -13.82 34.94 -15.83
CA VAL A 150 -13.44 35.33 -14.49
C VAL A 150 -14.70 35.38 -13.65
N CYS A 151 -14.84 34.45 -12.71
CA CYS A 151 -16.10 34.28 -11.99
C CYS A 151 -15.86 33.90 -10.52
N ASP A 152 -16.68 34.49 -9.64
CA ASP A 152 -16.85 34.00 -8.28
C ASP A 152 -17.61 32.68 -8.32
N ALA A 153 -16.95 31.58 -7.91
CA ALA A 153 -17.46 30.21 -8.05
C ALA A 153 -18.02 29.98 -9.46
N MET A 154 -19.33 29.77 -9.57
CA MET A 154 -20.02 29.64 -10.86
C MET A 154 -21.40 30.29 -10.80
N HIS A 155 -21.51 31.42 -10.12
CA HIS A 155 -22.79 32.09 -9.92
C HIS A 155 -23.23 32.96 -11.08
N LEU A 156 -22.33 33.31 -11.98
CA LEU A 156 -22.72 34.24 -13.02
C LEU A 156 -23.11 33.48 -14.29
N PRO A 157 -23.85 34.11 -15.21
CA PRO A 157 -24.33 33.40 -16.41
C PRO A 157 -23.22 32.73 -17.19
N LEU A 158 -23.57 31.58 -17.77
CA LEU A 158 -22.65 30.74 -18.57
C LEU A 158 -23.34 30.45 -19.91
N ASP A 159 -22.96 31.17 -20.95
CA ASP A 159 -23.66 31.02 -22.22
C ASP A 159 -22.89 30.19 -23.24
N GLY A 160 -21.93 29.39 -22.78
CA GLY A 160 -21.18 28.54 -23.70
C GLY A 160 -21.93 27.35 -24.24
N GLY A 161 -23.24 27.50 -24.55
CA GLY A 161 -24.09 26.40 -24.94
C GLY A 161 -24.10 25.36 -23.85
N PRO A 162 -24.83 24.26 -24.04
CA PRO A 162 -24.74 23.15 -23.07
C PRO A 162 -23.34 22.55 -23.07
N TYR A 163 -22.90 22.12 -21.89
CA TYR A 163 -21.59 21.53 -21.71
C TYR A 163 -21.69 20.04 -21.51
N ASP A 164 -20.64 19.32 -21.92
CA ASP A 164 -20.56 17.87 -21.79
C ASP A 164 -20.00 17.40 -20.45
N ALA A 165 -19.26 18.26 -19.76
CA ALA A 165 -18.65 17.86 -18.50
C ALA A 165 -18.13 19.08 -17.79
N ALA A 166 -17.98 18.97 -16.49
CA ALA A 166 -17.20 19.95 -15.75
C ALA A 166 -16.14 19.21 -14.95
N VAL A 167 -14.97 19.81 -14.83
CA VAL A 167 -13.87 19.22 -14.07
C VAL A 167 -13.39 20.26 -13.07
N ALA A 168 -13.12 19.81 -11.84
CA ALA A 168 -12.64 20.70 -10.78
C ALA A 168 -11.56 19.97 -10.01
N ILE A 169 -10.31 20.38 -10.24
CA ILE A 169 -9.15 19.75 -9.63
C ILE A 169 -8.77 20.61 -8.43
N GLU A 170 -9.20 20.22 -7.23
CA GLU A 170 -8.79 20.85 -5.98
C GLU A 170 -9.28 22.28 -5.84
N SER A 171 -10.38 22.61 -6.52
CA SER A 171 -11.01 23.93 -6.46
C SER A 171 -12.34 23.95 -5.73
N SER A 172 -13.03 22.80 -5.64
CA SER A 172 -14.39 22.81 -5.12
C SER A 172 -14.44 22.98 -3.61
N GLY A 173 -13.34 22.80 -2.89
CA GLY A 173 -13.30 23.14 -1.47
C GLY A 173 -13.63 24.60 -1.15
N TYR A 174 -13.62 25.48 -2.15
CA TYR A 174 -13.95 26.88 -2.00
C TYR A 174 -15.42 27.19 -2.29
N PHE A 175 -16.22 26.20 -2.70
CA PHE A 175 -17.57 26.42 -3.20
C PHE A 175 -18.65 26.00 -2.20
N ASP A 176 -19.79 26.70 -2.26
CA ASP A 176 -21.06 26.23 -1.75
C ASP A 176 -21.53 25.06 -2.62
N ARG A 177 -21.42 23.82 -2.11
CA ARG A 177 -21.68 22.66 -2.96
C ARG A 177 -23.13 22.59 -3.40
N PRO A 178 -24.14 22.74 -2.53
CA PRO A 178 -25.53 22.70 -3.02
C PRO A 178 -25.81 23.66 -4.16
N VAL A 179 -25.32 24.90 -4.08
CA VAL A 179 -25.54 25.86 -5.16
C VAL A 179 -24.74 25.47 -6.39
N TRP A 180 -23.47 25.07 -6.20
CA TRP A 180 -22.61 24.77 -7.34
C TRP A 180 -23.21 23.65 -8.20
N PHE A 181 -23.62 22.56 -7.55
CA PHE A 181 -24.25 21.47 -8.30
C PHE A 181 -25.56 21.91 -8.98
N GLU A 182 -26.27 22.89 -8.39
CA GLU A 182 -27.49 23.39 -9.05
C GLU A 182 -27.16 24.17 -10.31
N ARG A 183 -26.13 25.03 -10.26
CA ARG A 183 -25.65 25.66 -11.48
C ARG A 183 -25.23 24.61 -12.51
N LEU A 184 -24.44 23.62 -12.07
CA LEU A 184 -23.95 22.58 -12.98
C LEU A 184 -25.09 21.83 -13.64
N ALA A 185 -26.15 21.52 -12.87
CA ALA A 185 -27.29 20.82 -13.45
C ALA A 185 -27.93 21.59 -14.60
N HIS A 186 -27.85 22.91 -14.60
CA HIS A 186 -28.54 23.64 -15.66
C HIS A 186 -27.72 23.67 -16.95
N VAL A 187 -26.39 23.80 -16.85
CA VAL A 187 -25.54 23.98 -18.02
C VAL A 187 -24.86 22.68 -18.45
N LEU A 188 -25.21 21.56 -17.85
CA LEU A 188 -24.69 20.25 -18.25
C LEU A 188 -25.80 19.46 -18.93
N ARG A 189 -25.45 18.81 -20.03
CA ARG A 189 -26.40 17.95 -20.72
C ARG A 189 -26.67 16.70 -19.90
N PRO A 190 -27.83 16.08 -20.07
CA PRO A 190 -28.08 14.78 -19.45
C PRO A 190 -26.95 13.82 -19.82
N GLY A 191 -26.58 12.97 -18.86
CA GLY A 191 -25.44 12.11 -19.02
C GLY A 191 -24.10 12.80 -18.86
N GLY A 192 -24.07 14.12 -18.76
CA GLY A 192 -22.80 14.83 -18.60
C GLY A 192 -22.18 14.56 -17.24
N SER A 193 -20.85 14.69 -17.18
CA SER A 193 -20.08 14.24 -16.03
C SER A 193 -19.52 15.43 -15.24
N VAL A 194 -19.59 15.34 -13.93
CA VAL A 194 -18.87 16.27 -13.07
C VAL A 194 -17.71 15.48 -12.48
N CYS A 195 -16.50 15.91 -12.77
CA CYS A 195 -15.29 15.20 -12.35
C CYS A 195 -14.56 16.05 -11.32
N ILE A 196 -14.32 15.48 -10.14
CA ILE A 196 -13.83 16.20 -8.98
C ILE A 196 -12.64 15.45 -8.38
N GLU A 197 -11.54 16.17 -8.15
CA GLU A 197 -10.47 15.77 -7.25
C GLU A 197 -10.45 16.76 -6.10
N GLU A 198 -10.38 16.25 -4.87
CA GLU A 198 -10.58 17.16 -3.74
C GLU A 198 -10.15 16.49 -2.43
N VAL A 199 -9.79 17.33 -1.46
CA VAL A 199 -9.62 16.90 -0.07
C VAL A 199 -10.98 16.89 0.59
N PHE A 200 -11.37 15.75 1.14
CA PHE A 200 -12.60 15.58 1.91
C PHE A 200 -12.25 15.25 3.34
N THR A 201 -13.15 15.59 4.25
CA THR A 201 -13.12 15.05 5.60
C THR A 201 -13.72 13.65 5.63
N THR A 202 -13.24 12.83 6.56
CA THR A 202 -13.95 11.61 6.91
C THR A 202 -14.53 11.67 8.31
N ARG A 203 -14.19 12.72 9.07
CA ARG A 203 -14.70 12.94 10.41
C ARG A 203 -14.58 14.43 10.70
N PRO A 204 -15.28 14.93 11.71
CA PRO A 204 -15.22 16.37 12.00
C PRO A 204 -13.80 16.82 12.31
N HIS A 205 -13.43 17.96 11.74
CA HIS A 205 -12.13 18.57 11.95
C HIS A 205 -10.99 17.75 11.36
N GLY A 206 -11.30 16.80 10.48
CA GLY A 206 -10.29 15.92 9.92
C GLY A 206 -9.32 16.59 8.96
N ALA A 207 -9.63 17.81 8.53
CA ALA A 207 -8.78 18.52 7.58
C ALA A 207 -8.63 19.97 8.00
N ASP A 208 -8.55 20.21 9.31
CA ASP A 208 -8.56 21.58 9.82
C ASP A 208 -7.33 22.35 9.38
N VAL A 209 -6.16 21.69 9.36
CA VAL A 209 -4.94 22.35 8.91
C VAL A 209 -5.06 22.72 7.43
N TRP A 210 -5.46 21.74 6.60
CA TRP A 210 -5.79 22.03 5.22
C TRP A 210 -6.79 23.18 5.13
N ALA A 211 -7.87 23.11 5.90
CA ALA A 211 -8.91 24.13 5.80
C ALA A 211 -8.38 25.51 6.14
N GLU A 212 -7.70 25.62 7.27
CA GLU A 212 -7.38 26.94 7.81
C GLU A 212 -6.22 27.57 7.06
N TYR A 213 -5.25 26.76 6.63
CA TYR A 213 -4.10 27.27 5.91
C TYR A 213 -4.42 27.62 4.45
N PHE A 214 -5.44 27.01 3.84
CA PHE A 214 -5.78 27.32 2.45
C PHE A 214 -7.12 28.03 2.28
N TYR A 215 -7.81 28.39 3.38
CA TYR A 215 -9.09 29.12 3.34
C TYR A 215 -10.19 28.31 2.68
N THR A 216 -10.10 27.01 2.81
CA THR A 216 -10.98 26.06 2.17
C THR A 216 -11.99 25.55 3.20
N LYS A 217 -13.08 24.97 2.72
CA LYS A 217 -14.15 24.47 3.58
C LYS A 217 -14.45 23.02 3.24
N PRO A 218 -13.55 22.11 3.60
CA PRO A 218 -13.70 20.72 3.14
C PRO A 218 -14.89 20.04 3.81
N ALA A 219 -15.62 19.26 3.03
CA ALA A 219 -16.77 18.50 3.52
C ALA A 219 -16.51 17.02 3.26
N THR A 220 -17.43 16.17 3.73
CA THR A 220 -17.30 14.74 3.46
C THR A 220 -17.74 14.42 2.04
N VAL A 221 -17.34 13.24 1.57
CA VAL A 221 -17.81 12.78 0.27
C VAL A 221 -19.32 12.71 0.25
N LEU A 222 -19.92 12.21 1.34
CA LEU A 222 -21.37 12.09 1.43
C LEU A 222 -22.05 13.45 1.32
N ASP A 223 -21.47 14.48 1.96
CA ASP A 223 -22.01 15.83 1.79
C ASP A 223 -22.09 16.21 0.32
N TYR A 224 -21.03 15.89 -0.44
CA TYR A 224 -21.05 16.19 -1.87
C TYR A 224 -22.13 15.38 -2.57
N ALA A 225 -22.26 14.10 -2.22
CA ALA A 225 -23.26 13.26 -2.88
C ALA A 225 -24.67 13.75 -2.58
N GLU A 226 -24.92 14.14 -1.32
CA GLU A 226 -26.20 14.72 -0.95
C GLU A 226 -26.51 15.96 -1.77
N ALA A 227 -25.55 16.89 -1.84
CA ALA A 227 -25.75 18.11 -2.62
C ALA A 227 -25.93 17.81 -4.10
N ALA A 228 -25.13 16.89 -4.63
CA ALA A 228 -25.27 16.51 -6.02
C ALA A 228 -26.61 15.83 -6.29
N LYS A 229 -27.03 14.91 -5.39
CA LYS A 229 -28.31 14.25 -5.58
C LYS A 229 -29.45 15.26 -5.63
N ALA A 230 -29.46 16.21 -4.69
CA ALA A 230 -30.53 17.20 -4.63
C ALA A 230 -30.66 17.96 -5.94
N ALA A 231 -29.57 18.09 -6.69
CA ALA A 231 -29.58 18.83 -7.95
C ALA A 231 -29.72 17.92 -9.16
N GLY A 232 -29.94 16.62 -8.95
CA GLY A 232 -30.19 15.71 -10.05
C GLY A 232 -28.98 14.99 -10.61
N PHE A 233 -27.89 14.88 -9.85
CA PHE A 233 -26.72 14.12 -10.27
C PHE A 233 -26.66 12.79 -9.54
N GLU A 234 -26.07 11.81 -10.20
CA GLU A 234 -25.84 10.51 -9.60
C GLU A 234 -24.34 10.32 -9.39
N LEU A 235 -23.96 9.78 -8.24
CA LEU A 235 -22.58 9.40 -8.02
C LEU A 235 -22.29 8.09 -8.75
N VAL A 236 -21.25 8.06 -9.59
CA VAL A 236 -20.89 6.84 -10.30
C VAL A 236 -19.43 6.44 -10.11
N ASP A 237 -18.62 7.21 -9.38
CA ASP A 237 -17.24 6.81 -9.12
C ASP A 237 -16.76 7.53 -7.88
N ASP A 238 -16.02 6.83 -7.03
CA ASP A 238 -15.65 7.31 -5.69
C ASP A 238 -14.35 6.59 -5.30
N VAL A 239 -13.22 7.23 -5.62
CA VAL A 239 -11.91 6.61 -5.59
C VAL A 239 -11.08 7.26 -4.49
N ASP A 240 -10.50 6.43 -3.63
CA ASP A 240 -9.56 6.89 -2.62
C ASP A 240 -8.17 6.95 -3.24
N ALA A 241 -7.51 8.09 -3.10
CA ALA A 241 -6.15 8.25 -3.56
C ALA A 241 -5.30 8.91 -2.48
N THR A 242 -5.65 8.66 -1.21
CA THR A 242 -4.98 9.33 -0.10
C THR A 242 -3.52 8.89 0.01
N SER A 243 -3.27 7.57 -0.01
CA SER A 243 -1.88 7.15 0.17
C SER A 243 -1.05 7.48 -1.06
N GLU A 244 -1.65 7.46 -2.26
CA GLU A 244 -0.91 7.79 -3.48
C GLU A 244 -0.56 9.26 -3.58
N THR A 245 -1.20 10.12 -2.78
CA THR A 245 -0.86 11.54 -2.84
C THR A 245 -0.02 11.97 -1.65
N LEU A 246 0.01 11.19 -0.56
CA LEU A 246 0.88 11.53 0.56
C LEU A 246 2.31 11.87 0.14
N PRO A 247 2.97 11.17 -0.80
CA PRO A 247 4.34 11.57 -1.17
C PRO A 247 4.46 12.98 -1.73
N PHE A 248 3.39 13.57 -2.29
CA PHE A 248 3.48 14.97 -2.68
C PHE A 248 3.98 15.81 -1.52
N TRP A 249 3.50 15.54 -0.30
CA TRP A 249 3.89 16.39 0.81
C TRP A 249 5.35 16.20 1.18
N GLU A 250 5.86 14.98 1.05
CA GLU A 250 7.28 14.76 1.29
C GLU A 250 8.13 15.48 0.24
N GLU A 251 7.73 15.42 -1.03
CA GLU A 251 8.50 16.10 -2.06
C GLU A 251 8.42 17.63 -1.91
N SER A 252 7.22 18.14 -1.60
CA SER A 252 7.02 19.56 -1.36
C SER A 252 7.86 20.05 -0.17
N THR A 253 7.83 19.31 0.94
CA THR A 253 8.70 19.58 2.08
C THR A 253 10.18 19.58 1.69
N ALA A 254 10.63 18.54 0.99
CA ALA A 254 12.05 18.50 0.57
C ALA A 254 12.39 19.67 -0.35
N TRP A 255 11.46 20.07 -1.22
CA TRP A 255 11.74 21.21 -2.10
C TRP A 255 11.98 22.47 -1.28
N THR A 256 11.12 22.72 -0.29
CA THR A 256 11.23 23.91 0.54
C THR A 256 12.54 23.90 1.31
N LYS A 257 12.88 22.75 1.90
CA LYS A 257 14.12 22.64 2.63
C LYS A 257 15.31 22.94 1.73
N ALA A 258 15.32 22.34 0.53
CA ALA A 258 16.42 22.55 -0.40
C ALA A 258 16.59 24.02 -0.77
N VAL A 259 15.49 24.76 -0.91
CA VAL A 259 15.59 26.17 -1.26
C VAL A 259 16.11 26.97 -0.07
N LEU A 260 15.56 26.72 1.13
CA LEU A 260 16.06 27.37 2.34
C LEU A 260 17.55 27.10 2.52
N ASP A 261 17.99 25.88 2.23
CA ASP A 261 19.39 25.52 2.43
C ASP A 261 20.32 26.15 1.38
N SER A 262 19.82 26.47 0.18
CA SER A 262 20.72 26.78 -0.93
C SER A 262 20.58 28.18 -1.52
N ASP A 263 19.42 28.83 -1.39
CA ASP A 263 19.21 30.14 -2.03
C ASP A 263 19.62 31.23 -1.05
N SER A 264 20.87 31.67 -1.14
CA SER A 264 21.36 32.71 -0.26
C SER A 264 20.84 34.10 -0.61
N THR A 265 20.00 34.22 -1.63
CA THR A 265 19.51 35.52 -2.10
C THR A 265 18.08 35.83 -1.66
N LEU A 266 17.42 34.94 -0.92
CA LEU A 266 16.09 35.24 -0.42
C LEU A 266 16.12 36.45 0.49
N SER A 267 15.11 37.31 0.37
CA SER A 267 14.93 38.35 1.37
C SER A 267 14.50 37.72 2.68
N ALA A 268 14.56 38.53 3.74
CA ALA A 268 14.14 38.05 5.05
C ALA A 268 12.66 37.66 5.03
N VAL A 269 11.83 38.48 4.37
CA VAL A 269 10.41 38.18 4.28
C VAL A 269 10.18 36.89 3.51
N ASP A 270 10.87 36.74 2.37
CA ASP A 270 10.68 35.55 1.53
C ASP A 270 11.17 34.30 2.23
N ARG A 271 12.33 34.39 2.89
CA ARG A 271 12.84 33.28 3.66
C ARG A 271 11.87 32.90 4.77
N ARG A 272 11.26 33.90 5.41
CA ARG A 272 10.32 33.60 6.48
C ARG A 272 9.06 32.91 5.92
N GLN A 273 8.61 33.31 4.73
CA GLN A 273 7.44 32.65 4.15
C GLN A 273 7.76 31.20 3.82
N LEU A 274 8.95 30.92 3.28
CA LEU A 274 9.32 29.55 2.98
C LEU A 274 9.42 28.71 4.25
N ARG A 275 10.02 29.27 5.31
CA ARG A 275 10.05 28.56 6.58
C ARG A 275 8.65 28.23 7.07
N ILE A 276 7.70 29.16 6.90
CA ILE A 276 6.32 28.89 7.28
C ILE A 276 5.71 27.82 6.36
N SER A 277 6.03 27.88 5.07
CA SER A 277 5.54 26.86 4.14
C SER A 277 6.08 25.48 4.53
N LEU A 278 7.35 25.42 4.94
CA LEU A 278 7.94 24.16 5.40
C LEU A 278 7.19 23.61 6.61
N MET A 279 6.85 24.49 7.57
CA MET A 279 6.09 24.06 8.74
C MET A 279 4.70 23.59 8.35
N ALA A 280 4.04 24.34 7.46
CA ALA A 280 2.71 23.94 7.01
C ALA A 280 2.76 22.59 6.29
N ASN A 281 3.75 22.40 5.40
CA ASN A 281 3.90 21.14 4.68
C ASN A 281 4.11 19.96 5.64
N GLN A 282 4.86 20.14 6.71
CA GLN A 282 4.99 19.03 7.64
C GLN A 282 3.65 18.73 8.30
N ALA A 283 2.95 19.78 8.76
CA ALA A 283 1.68 19.56 9.44
C ALA A 283 0.64 19.01 8.49
N LEU A 284 0.68 19.40 7.21
CA LEU A 284 -0.29 18.89 6.25
C LEU A 284 -0.05 17.41 5.98
N GLY A 285 1.21 17.04 5.73
CA GLY A 285 1.51 15.63 5.58
C GLY A 285 1.14 14.81 6.81
N ALA A 286 1.33 15.40 8.01
CA ALA A 286 0.88 14.72 9.23
C ALA A 286 -0.63 14.53 9.22
N GLU A 287 -1.38 15.57 8.84
CA GLU A 287 -2.84 15.46 8.81
C GLU A 287 -3.30 14.46 7.77
N TRP A 288 -2.60 14.42 6.63
CA TRP A 288 -2.91 13.49 5.55
C TRP A 288 -2.89 12.04 6.04
N GLN A 289 -2.07 11.74 7.05
CA GLN A 289 -1.88 10.39 7.56
C GLN A 289 -2.72 10.08 8.78
N ALA A 290 -3.38 11.07 9.39
CA ALA A 290 -4.03 10.86 10.68
C ALA A 290 -5.41 10.20 10.56
N GLY A 291 -5.88 9.91 9.36
CA GLY A 291 -7.14 9.24 9.18
C GLY A 291 -8.34 10.15 8.98
N GLY A 292 -8.25 11.42 9.38
CA GLY A 292 -9.41 12.29 9.23
C GLY A 292 -9.65 12.90 7.86
N LEU A 293 -8.79 12.61 6.88
CA LEU A 293 -8.78 13.28 5.58
C LEU A 293 -8.73 12.25 4.47
N ARG A 294 -9.42 12.54 3.37
CA ARG A 294 -9.43 11.67 2.20
C ARG A 294 -9.18 12.52 0.96
N LEU A 295 -8.16 12.17 0.19
CA LEU A 295 -7.97 12.78 -1.12
C LEU A 295 -8.71 11.90 -2.11
N GLY A 296 -9.83 12.39 -2.62
CA GLY A 296 -10.68 11.56 -3.44
C GLY A 296 -10.84 12.03 -4.87
N PHE A 297 -11.18 11.09 -5.77
CA PHE A 297 -11.64 11.38 -7.11
C PHE A 297 -13.09 10.93 -7.21
N LEU A 298 -13.98 11.86 -7.53
CA LEU A 298 -15.40 11.57 -7.67
C LEU A 298 -15.82 11.81 -9.11
N ARG A 299 -16.86 11.12 -9.54
CA ARG A 299 -17.50 11.49 -10.80
C ARG A 299 -19.00 11.31 -10.65
N PHE A 300 -19.74 12.36 -10.99
CA PHE A 300 -21.19 12.36 -11.03
C PHE A 300 -21.68 12.44 -12.47
N GLU A 301 -22.87 11.90 -12.72
CA GLU A 301 -23.52 11.98 -14.02
C GLU A 301 -24.87 12.67 -13.86
N ARG A 302 -25.15 13.63 -14.74
CA ARG A 302 -26.44 14.32 -14.72
C ARG A 302 -27.58 13.35 -15.06
N LYS A 303 -28.55 13.22 -14.17
CA LYS A 303 -29.75 12.45 -14.49
C LYS A 303 -30.62 13.26 -15.44
N ASP B 29 41.75 -13.54 -14.35
CA ASP B 29 41.66 -12.11 -14.18
C ASP B 29 40.83 -11.49 -15.34
N ASP B 30 40.55 -12.28 -16.37
CA ASP B 30 39.62 -11.80 -17.39
C ASP B 30 38.19 -11.80 -16.85
N LYS B 31 37.79 -12.92 -16.24
CA LYS B 31 36.56 -12.95 -15.47
C LYS B 31 36.53 -11.80 -14.45
N THR B 32 37.62 -11.65 -13.69
CA THR B 32 37.63 -10.66 -12.61
C THR B 32 37.52 -9.25 -13.16
N ALA B 33 38.22 -8.95 -14.26
CA ALA B 33 38.17 -7.59 -14.79
C ALA B 33 36.76 -7.24 -15.23
N LYS B 34 36.04 -8.21 -15.82
CA LYS B 34 34.65 -7.95 -16.21
C LYS B 34 33.78 -7.66 -14.99
N LEU B 35 34.00 -8.39 -13.90
CA LEU B 35 33.29 -8.09 -12.65
C LEU B 35 33.67 -6.70 -12.12
N VAL B 36 34.96 -6.36 -12.15
CA VAL B 36 35.32 -5.02 -11.66
C VAL B 36 34.76 -3.94 -12.55
N ARG B 37 34.64 -4.18 -13.86
CA ARG B 37 34.07 -3.16 -14.73
C ARG B 37 32.66 -2.80 -14.31
N LYS B 38 31.89 -3.79 -13.85
CA LYS B 38 30.48 -3.59 -13.52
C LYS B 38 30.27 -3.12 -12.08
N TYR B 39 31.07 -3.60 -11.12
CA TYR B 39 30.79 -3.37 -9.71
C TYR B 39 31.85 -2.54 -9.00
N GLY B 40 32.94 -2.22 -9.68
CA GLY B 40 34.00 -1.47 -9.07
C GLY B 40 33.84 0.02 -9.28
N PRO B 41 34.92 0.76 -9.09
CA PRO B 41 36.25 0.27 -8.74
C PRO B 41 36.49 0.04 -7.22
N GLY B 42 37.71 -0.34 -6.84
CA GLY B 42 38.05 -0.42 -5.44
C GLY B 42 37.84 0.91 -4.71
N PRO B 43 38.02 0.92 -3.38
CA PRO B 43 38.48 -0.20 -2.57
C PRO B 43 37.40 -1.23 -2.22
N ARG B 44 36.12 -0.83 -2.07
CA ARG B 44 35.03 -1.74 -1.71
C ARG B 44 34.26 -2.21 -2.96
N ILE B 45 34.40 -3.48 -3.31
CA ILE B 45 33.76 -4.10 -4.48
C ILE B 45 32.85 -5.22 -3.98
N HIS B 46 31.54 -5.12 -4.28
CA HIS B 46 30.55 -6.08 -3.80
C HIS B 46 30.03 -6.95 -4.94
N TYR B 47 29.73 -8.22 -4.64
CA TYR B 47 29.19 -9.14 -5.64
C TYR B 47 27.98 -9.84 -5.04
N HIS B 48 26.88 -9.08 -4.92
CA HIS B 48 25.61 -9.54 -4.38
C HIS B 48 24.55 -8.55 -4.82
N VAL B 49 23.27 -8.87 -4.56
CA VAL B 49 22.21 -7.96 -5.01
C VAL B 49 22.23 -6.71 -4.15
N GLY B 50 21.49 -5.67 -4.57
CA GLY B 50 21.34 -4.47 -3.79
C GLY B 50 19.99 -4.43 -3.11
N TYR B 51 19.91 -3.59 -2.07
CA TYR B 51 18.70 -3.41 -1.28
C TYR B 51 18.06 -2.07 -1.60
N TYR B 52 16.78 -2.09 -1.96
CA TYR B 52 16.03 -0.89 -2.30
C TYR B 52 14.87 -0.70 -1.32
N PRO B 53 15.00 0.15 -0.30
CA PRO B 53 13.99 0.17 0.78
C PRO B 53 12.57 0.45 0.30
N SER B 54 12.38 1.28 -0.72
CA SER B 54 11.03 1.54 -1.21
C SER B 54 10.56 0.49 -2.22
N SER B 55 11.37 -0.53 -2.48
CA SER B 55 11.05 -1.63 -3.41
C SER B 55 10.84 -1.13 -4.84
N GLU B 56 11.53 -0.05 -5.22
CA GLU B 56 11.55 0.42 -6.60
C GLU B 56 12.92 1.01 -6.94
N ALA B 57 13.30 0.92 -8.23
CA ALA B 57 14.56 1.50 -8.70
C ALA B 57 14.43 3.02 -8.85
N PRO B 58 15.52 3.75 -8.66
CA PRO B 58 15.49 5.20 -8.93
C PRO B 58 15.11 5.44 -10.38
N ARG B 59 14.32 6.50 -10.60
CA ARG B 59 13.93 6.87 -11.96
C ARG B 59 15.16 7.16 -12.82
N HIS B 60 15.10 6.70 -14.08
CA HIS B 60 16.09 7.06 -15.08
C HIS B 60 16.07 8.57 -15.30
N THR B 61 17.22 9.20 -15.17
CA THR B 61 17.35 10.60 -15.54
C THR B 61 17.83 10.66 -16.99
N ARG B 62 18.31 11.83 -17.42
CA ARG B 62 18.90 11.92 -18.75
C ARG B 62 20.31 11.34 -18.82
N ASP B 63 20.92 11.00 -17.69
CA ASP B 63 22.15 10.23 -17.68
C ASP B 63 21.76 8.76 -17.59
N VAL B 64 21.83 8.05 -18.73
CA VAL B 64 21.65 6.61 -18.73
C VAL B 64 22.94 5.94 -19.22
N THR B 65 24.08 6.55 -18.96
CA THR B 65 25.35 5.91 -19.27
C THR B 65 25.56 4.68 -18.38
N PRO B 66 26.43 3.76 -18.79
CA PRO B 66 26.79 2.66 -17.88
C PRO B 66 27.18 3.17 -16.51
N ASP B 67 27.94 4.28 -16.45
CA ASP B 67 28.44 4.75 -15.17
C ASP B 67 27.31 5.12 -14.21
N ALA B 68 26.23 5.72 -14.74
CA ALA B 68 25.13 6.11 -13.87
C ALA B 68 24.47 4.90 -13.21
N PHE B 69 24.27 3.82 -13.97
CA PHE B 69 23.71 2.61 -13.38
C PHE B 69 24.71 1.93 -12.45
N ARG B 70 25.98 1.85 -12.86
CA ARG B 70 27.01 1.30 -11.98
C ARG B 70 27.02 2.00 -10.63
N ARG B 71 26.97 3.34 -10.63
CA ARG B 71 26.93 4.07 -9.35
C ARG B 71 25.71 3.68 -8.52
N SER B 72 24.54 3.55 -9.16
CA SER B 72 23.33 3.23 -8.41
C SER B 72 23.38 1.80 -7.87
N ILE B 73 23.89 0.86 -8.68
CA ILE B 73 24.07 -0.52 -8.24
C ILE B 73 24.95 -0.57 -7.00
N ARG B 74 26.12 0.07 -7.06
CA ARG B 74 27.01 0.10 -5.90
C ARG B 74 26.35 0.75 -4.69
N LEU B 75 25.56 1.81 -4.91
CA LEU B 75 24.94 2.51 -3.79
C LEU B 75 24.02 1.57 -3.00
N HIS B 76 23.21 0.79 -3.72
CA HIS B 76 22.27 -0.11 -3.08
C HIS B 76 22.91 -1.41 -2.63
N GLN B 77 24.08 -1.75 -3.18
CA GLN B 77 24.85 -2.85 -2.61
C GLN B 77 25.36 -2.47 -1.22
N GLU B 78 25.98 -1.30 -1.11
CA GLU B 78 26.28 -0.76 0.21
C GLU B 78 25.03 -0.73 1.06
N GLY B 79 23.90 -0.36 0.46
CA GLY B 79 22.64 -0.33 1.19
C GLY B 79 22.25 -1.68 1.77
N LEU B 80 22.57 -2.77 1.04
CA LEU B 80 22.24 -4.09 1.58
C LEU B 80 23.05 -4.38 2.84
N LEU B 81 24.36 -4.10 2.79
CA LEU B 81 25.19 -4.31 3.98
C LEU B 81 24.73 -3.46 5.14
N ARG B 82 24.35 -2.19 4.87
CA ARG B 82 23.87 -1.33 5.95
C ARG B 82 22.53 -1.82 6.50
N TYR B 83 21.64 -2.28 5.62
CA TYR B 83 20.40 -2.86 6.10
C TYR B 83 20.65 -4.13 6.91
N ALA B 84 21.56 -4.99 6.45
CA ALA B 84 21.85 -6.21 7.20
C ALA B 84 22.47 -5.89 8.55
N ALA B 85 23.39 -4.93 8.58
CA ALA B 85 24.02 -4.52 9.85
C ALA B 85 22.98 -4.04 10.86
N LYS B 86 21.94 -3.34 10.42
CA LYS B 86 20.85 -2.97 11.32
C LYS B 86 20.15 -4.19 11.89
N ILE B 87 19.54 -5.02 11.03
CA ILE B 87 18.74 -6.12 11.54
C ILE B 87 19.58 -7.13 12.31
N TRP B 88 20.88 -7.20 12.03
CA TRP B 88 21.76 -8.12 12.72
C TRP B 88 22.40 -7.51 13.95
N GLY B 89 22.17 -6.22 14.23
CA GLY B 89 22.77 -5.59 15.39
C GLY B 89 24.27 -5.65 15.31
N ALA B 90 24.83 -5.19 14.19
CA ALA B 90 26.25 -5.36 13.93
C ALA B 90 27.10 -4.71 15.00
N GLU B 91 26.57 -3.67 15.66
CA GLU B 91 27.34 -2.92 16.65
C GLU B 91 27.93 -3.85 17.70
N HIS B 92 27.15 -4.83 18.16
CA HIS B 92 27.63 -5.78 19.15
C HIS B 92 27.84 -7.20 18.62
N ARG B 93 27.20 -7.60 17.52
CA ARG B 93 27.37 -8.98 17.04
C ARG B 93 28.40 -9.12 15.91
N LEU B 94 28.71 -8.04 15.20
CA LEU B 94 29.60 -8.14 14.05
C LEU B 94 30.81 -7.23 14.21
N SER B 95 31.19 -6.90 15.45
CA SER B 95 32.26 -5.96 15.70
C SER B 95 33.47 -6.60 16.37
N GLY B 96 33.48 -7.93 16.50
CA GLY B 96 34.61 -8.65 17.07
C GLY B 96 35.41 -9.46 16.06
N ARG B 97 35.66 -10.73 16.35
CA ARG B 97 36.43 -11.61 15.47
C ARG B 97 35.44 -12.41 14.64
N ILE B 98 35.30 -12.06 13.36
CA ILE B 98 34.30 -12.67 12.50
C ILE B 98 34.95 -13.35 11.31
N LEU B 99 34.23 -14.32 10.75
CA LEU B 99 34.61 -14.94 9.49
C LEU B 99 33.73 -14.38 8.37
N ASP B 100 34.37 -13.95 7.29
CA ASP B 100 33.66 -13.59 6.07
C ASP B 100 33.86 -14.76 5.11
N VAL B 101 32.83 -15.58 4.96
CA VAL B 101 32.92 -16.81 4.19
C VAL B 101 32.43 -16.52 2.77
N GLY B 102 33.30 -16.72 1.79
CA GLY B 102 32.95 -16.37 0.42
C GLY B 102 33.00 -14.87 0.29
N CYS B 103 34.19 -14.29 0.43
CA CYS B 103 34.34 -12.85 0.54
C CYS B 103 34.38 -12.14 -0.80
N GLY B 104 34.30 -12.84 -1.91
CA GLY B 104 34.37 -12.16 -3.20
C GLY B 104 35.64 -11.35 -3.31
N LEU B 105 35.52 -10.08 -3.70
CA LEU B 105 36.67 -9.20 -3.78
C LEU B 105 36.87 -8.37 -2.52
N GLY B 106 36.16 -8.72 -1.43
CA GLY B 106 36.43 -8.14 -0.12
C GLY B 106 35.57 -6.96 0.29
N GLY B 107 34.57 -6.59 -0.51
CA GLY B 107 33.77 -5.42 -0.17
C GLY B 107 33.03 -5.57 1.14
N GLY B 108 32.47 -6.76 1.40
CA GLY B 108 31.86 -6.99 2.69
C GLY B 108 32.89 -6.98 3.80
N SER B 109 34.01 -7.67 3.60
CA SER B 109 35.07 -7.74 4.60
C SER B 109 35.52 -6.35 5.04
N LEU B 110 35.75 -5.46 4.08
CA LEU B 110 36.16 -4.10 4.39
C LEU B 110 35.05 -3.34 5.07
N PHE B 111 33.80 -3.64 4.72
CA PHE B 111 32.68 -2.97 5.37
C PHE B 111 32.64 -3.29 6.87
N TRP B 112 32.78 -4.58 7.23
CA TRP B 112 32.72 -4.92 8.66
C TRP B 112 33.93 -4.37 9.39
N ALA B 113 35.11 -4.44 8.76
CA ALA B 113 36.32 -3.91 9.37
C ALA B 113 36.23 -2.40 9.55
N GLN B 114 35.88 -1.68 8.47
CA GLN B 114 35.85 -0.22 8.50
C GLN B 114 34.68 0.30 9.33
N GLU B 115 33.48 -0.21 9.09
CA GLU B 115 32.30 0.41 9.69
C GLU B 115 32.01 -0.09 11.10
N TYR B 116 32.46 -1.27 11.46
CA TYR B 116 32.20 -1.75 12.81
C TYR B 116 33.46 -2.19 13.54
N GLY B 117 34.63 -1.82 13.02
CA GLY B 117 35.87 -2.12 13.71
C GLY B 117 36.16 -3.60 13.86
N ALA B 118 35.48 -4.45 13.10
CA ALA B 118 35.68 -5.88 13.24
C ALA B 118 37.06 -6.29 12.76
N ASP B 119 37.57 -7.36 13.35
CA ASP B 119 38.75 -8.08 12.86
C ASP B 119 38.25 -9.23 12.01
N VAL B 120 38.63 -9.25 10.73
CA VAL B 120 37.93 -10.06 9.74
C VAL B 120 38.90 -11.08 9.17
N THR B 121 38.48 -12.34 9.15
CA THR B 121 39.14 -13.38 8.38
C THR B 121 38.28 -13.60 7.14
N ALA B 122 38.77 -13.17 5.98
CA ALA B 122 38.03 -13.20 4.72
C ALA B 122 38.40 -14.47 3.96
N VAL B 123 37.40 -15.32 3.72
CA VAL B 123 37.64 -16.66 3.18
C VAL B 123 37.23 -16.67 1.71
N THR B 124 38.16 -17.06 0.85
CA THR B 124 37.87 -17.22 -0.58
C THR B 124 38.52 -18.50 -1.08
N ASN B 125 37.88 -19.09 -2.09
CA ASN B 125 38.44 -20.26 -2.77
C ASN B 125 39.21 -19.88 -4.03
N ALA B 126 39.51 -18.60 -4.19
CA ALA B 126 40.18 -18.08 -5.38
C ALA B 126 41.46 -17.41 -4.93
N PRO B 127 42.62 -18.03 -5.14
CA PRO B 127 43.86 -17.46 -4.62
C PRO B 127 44.19 -16.10 -5.19
N GLU B 128 43.85 -15.84 -6.45
CA GLU B 128 44.20 -14.56 -7.07
C GLU B 128 43.39 -13.40 -6.50
N HIS B 129 42.28 -13.67 -5.80
CA HIS B 129 41.53 -12.60 -5.14
C HIS B 129 42.10 -12.22 -3.79
N ALA B 130 42.87 -13.10 -3.16
CA ALA B 130 43.38 -12.81 -1.82
C ALA B 130 44.29 -11.58 -1.76
N PRO B 131 45.18 -11.31 -2.72
CA PRO B 131 45.95 -10.06 -2.65
C PRO B 131 45.09 -8.85 -2.96
N ILE B 132 44.03 -8.99 -3.76
CA ILE B 132 43.15 -7.86 -4.00
C ILE B 132 42.43 -7.46 -2.72
N VAL B 133 41.91 -8.44 -1.98
CA VAL B 133 41.27 -8.14 -0.69
C VAL B 133 42.26 -7.47 0.25
N GLU B 134 43.48 -8.01 0.34
CA GLU B 134 44.42 -7.50 1.34
C GLU B 134 44.95 -6.13 0.97
N GLY B 135 45.22 -5.90 -0.31
CA GLY B 135 45.71 -4.59 -0.74
C GLY B 135 44.69 -3.48 -0.51
N PHE B 136 43.43 -3.73 -0.87
CA PHE B 136 42.40 -2.72 -0.63
C PHE B 136 42.19 -2.50 0.87
N ALA B 137 42.39 -3.54 1.68
CA ALA B 137 42.32 -3.36 3.12
C ALA B 137 43.42 -2.42 3.62
N ARG B 138 44.63 -2.56 3.09
CA ARG B 138 45.69 -1.62 3.41
C ARG B 138 45.33 -0.21 3.00
N GLU B 139 44.87 -0.05 1.75
CA GLU B 139 44.44 1.25 1.26
C GLU B 139 43.38 1.89 2.15
N CYS B 140 42.60 1.08 2.86
CA CYS B 140 41.58 1.62 3.76
C CYS B 140 42.07 1.79 5.19
N GLY B 141 43.35 1.52 5.46
CA GLY B 141 43.84 1.62 6.81
C GLY B 141 43.28 0.60 7.76
N VAL B 142 42.96 -0.60 7.25
CA VAL B 142 42.46 -1.68 8.09
C VAL B 142 43.20 -2.95 7.71
N GLY B 143 44.40 -2.79 7.14
CA GLY B 143 45.21 -3.94 6.77
C GLY B 143 45.52 -4.84 7.95
N GLY B 144 45.59 -4.26 9.16
CA GLY B 144 45.81 -5.07 10.34
C GLY B 144 44.60 -5.88 10.76
N ARG B 145 43.40 -5.40 10.45
CA ARG B 145 42.18 -6.05 10.89
C ARG B 145 41.56 -6.93 9.81
N VAL B 146 42.24 -7.14 8.68
CA VAL B 146 41.72 -7.97 7.59
C VAL B 146 42.83 -8.89 7.12
N ARG B 147 42.57 -10.19 7.17
CA ARG B 147 43.48 -11.26 6.77
C ARG B 147 42.69 -12.20 5.88
N THR B 148 43.32 -12.76 4.85
CA THR B 148 42.63 -13.71 3.99
C THR B 148 42.99 -15.14 4.35
N LEU B 149 42.06 -16.06 4.06
CA LEU B 149 42.27 -17.49 4.10
C LEU B 149 41.79 -18.10 2.79
N VAL B 150 42.64 -18.86 2.13
CA VAL B 150 42.30 -19.51 0.88
C VAL B 150 42.06 -20.99 1.17
N CYS B 151 40.83 -21.46 0.92
CA CYS B 151 40.46 -22.84 1.24
C CYS B 151 39.09 -23.17 0.65
N ASP B 152 38.83 -24.48 0.57
CA ASP B 152 37.59 -25.04 -0.03
C ASP B 152 36.92 -26.08 0.87
N HIS B 155 35.28 -24.76 5.30
CA HIS B 155 36.16 -25.46 4.39
C HIS B 155 37.36 -25.92 5.14
N LEU B 156 37.85 -25.04 6.01
CA LEU B 156 39.01 -25.35 6.83
C LEU B 156 39.13 -24.52 8.09
N PRO B 157 40.35 -24.46 8.61
CA PRO B 157 41.15 -23.98 9.72
C PRO B 157 40.37 -23.74 10.96
N LEU B 158 40.64 -24.52 11.96
CA LEU B 158 40.03 -24.31 13.24
C LEU B 158 41.08 -23.55 14.01
N ASP B 159 42.24 -23.36 13.41
CA ASP B 159 43.21 -22.58 14.13
C ASP B 159 42.94 -21.13 13.85
N GLY B 160 43.51 -20.26 14.65
CA GLY B 160 43.17 -18.86 14.50
C GLY B 160 41.95 -18.65 15.40
N GLY B 161 42.01 -19.30 16.57
CA GLY B 161 41.02 -19.29 17.63
C GLY B 161 39.57 -19.50 17.29
N PRO B 162 38.70 -19.09 18.21
CA PRO B 162 37.27 -19.12 18.03
C PRO B 162 36.86 -17.73 17.58
N TYR B 163 35.81 -17.67 16.78
CA TYR B 163 35.27 -16.46 16.18
C TYR B 163 33.95 -16.13 16.86
N ASP B 164 33.68 -14.83 16.94
CA ASP B 164 32.41 -14.33 17.45
C ASP B 164 31.26 -14.51 16.47
N ALA B 165 31.54 -14.64 15.17
CA ALA B 165 30.47 -14.67 14.18
C ALA B 165 31.03 -15.11 12.83
N ALA B 166 30.13 -15.53 11.96
CA ALA B 166 30.43 -15.80 10.58
C ALA B 166 29.35 -15.14 9.73
N VAL B 167 29.76 -14.50 8.64
CA VAL B 167 28.85 -13.83 7.72
C VAL B 167 29.03 -14.42 6.32
N ALA B 168 27.94 -14.71 5.64
CA ALA B 168 28.00 -15.26 4.29
C ALA B 168 26.96 -14.50 3.47
N ILE B 169 27.43 -13.59 2.61
CA ILE B 169 26.54 -12.76 1.80
C ILE B 169 26.52 -13.37 0.40
N GLU B 170 25.44 -14.10 0.09
CA GLU B 170 25.19 -14.70 -1.22
C GLU B 170 26.26 -15.71 -1.62
N SER B 171 26.96 -16.28 -0.65
CA SER B 171 27.95 -17.31 -0.93
C SER B 171 27.50 -18.72 -0.54
N SER B 172 26.51 -18.86 0.34
CA SER B 172 26.24 -20.19 0.90
C SER B 172 25.54 -21.11 -0.09
N GLY B 173 24.92 -20.58 -1.13
CA GLY B 173 24.36 -21.39 -2.20
C GLY B 173 25.35 -22.40 -2.76
N TYR B 174 26.64 -22.16 -2.55
CA TYR B 174 27.69 -23.04 -3.03
C TYR B 174 28.13 -24.11 -2.01
N PHE B 175 27.63 -24.09 -0.76
CA PHE B 175 28.15 -24.98 0.28
C PHE B 175 27.27 -26.20 0.51
N ASP B 176 27.91 -27.25 1.01
CA ASP B 176 27.25 -28.32 1.73
C ASP B 176 26.83 -27.76 3.08
N ARG B 177 25.56 -27.33 3.22
CA ARG B 177 25.14 -26.68 4.46
C ARG B 177 25.34 -27.58 5.68
N PRO B 178 24.91 -28.84 5.70
CA PRO B 178 25.21 -29.69 6.87
C PRO B 178 26.67 -29.68 7.29
N VAL B 179 27.60 -29.89 6.36
CA VAL B 179 29.03 -29.90 6.72
C VAL B 179 29.46 -28.51 7.16
N TRP B 180 29.10 -27.49 6.39
CA TRP B 180 29.49 -26.12 6.70
C TRP B 180 29.11 -25.76 8.14
N PHE B 181 27.86 -26.05 8.52
CA PHE B 181 27.40 -25.72 9.87
C PHE B 181 28.13 -26.54 10.93
N GLU B 182 28.49 -27.79 10.62
CA GLU B 182 29.27 -28.59 11.59
C GLU B 182 30.64 -27.95 11.80
N ARG B 183 31.30 -27.55 10.72
CA ARG B 183 32.57 -26.83 10.84
C ARG B 183 32.41 -25.56 11.66
N LEU B 184 31.40 -24.75 11.35
CA LEU B 184 31.17 -23.51 12.10
C LEU B 184 31.00 -23.80 13.59
N ALA B 185 30.27 -24.87 13.93
CA ALA B 185 30.11 -25.21 15.34
C ALA B 185 31.46 -25.39 16.03
N HIS B 186 32.49 -25.82 15.29
CA HIS B 186 33.77 -26.08 15.93
C HIS B 186 34.62 -24.84 16.11
N VAL B 187 34.31 -23.74 15.41
CA VAL B 187 35.15 -22.56 15.42
C VAL B 187 34.44 -21.33 15.97
N LEU B 188 33.16 -21.42 16.31
CA LEU B 188 32.42 -20.27 16.83
C LEU B 188 32.15 -20.46 18.31
N ARG B 189 32.29 -19.37 19.05
CA ARG B 189 31.98 -19.38 20.47
C ARG B 189 30.49 -19.61 20.68
N PRO B 190 30.12 -20.22 21.81
CA PRO B 190 28.71 -20.27 22.20
C PRO B 190 28.10 -18.87 22.15
N GLY B 191 26.85 -18.81 21.72
CA GLY B 191 26.20 -17.53 21.49
C GLY B 191 26.64 -16.83 20.21
N GLY B 192 27.73 -17.27 19.58
CA GLY B 192 28.15 -16.65 18.34
C GLY B 192 27.08 -16.74 17.28
N SER B 193 27.09 -15.75 16.38
CA SER B 193 26.05 -15.59 15.38
C SER B 193 26.55 -16.04 14.00
N VAL B 194 25.65 -16.65 13.21
CA VAL B 194 25.91 -16.92 11.80
C VAL B 194 24.90 -16.12 11.01
N CYS B 195 25.37 -15.21 10.17
CA CYS B 195 24.49 -14.28 9.45
C CYS B 195 24.56 -14.57 7.96
N ILE B 196 23.40 -14.78 7.35
CA ILE B 196 23.33 -15.27 5.96
C ILE B 196 22.37 -14.39 5.17
N GLU B 197 22.84 -13.90 4.03
CA GLU B 197 21.97 -13.39 2.98
C GLU B 197 22.03 -14.37 1.81
N GLU B 198 20.86 -14.80 1.31
CA GLU B 198 20.90 -15.89 0.34
C GLU B 198 19.60 -15.94 -0.46
N VAL B 199 19.69 -16.52 -1.66
CA VAL B 199 18.50 -16.94 -2.42
C VAL B 199 18.07 -18.29 -1.90
N PHE B 200 16.83 -18.39 -1.43
CA PHE B 200 16.23 -19.66 -1.06
C PHE B 200 15.12 -20.01 -2.02
N THR B 201 14.84 -21.30 -2.13
CA THR B 201 13.62 -21.75 -2.77
C THR B 201 12.48 -21.70 -1.76
N THR B 202 11.28 -21.46 -2.27
CA THR B 202 10.05 -21.66 -1.50
C THR B 202 9.20 -22.80 -2.03
N ARG B 203 9.61 -23.42 -3.13
CA ARG B 203 8.92 -24.57 -3.71
C ARG B 203 9.90 -25.21 -4.68
N PRO B 204 9.75 -26.51 -4.95
CA PRO B 204 10.71 -27.19 -5.84
C PRO B 204 10.86 -26.45 -7.16
N HIS B 205 12.11 -26.34 -7.61
CA HIS B 205 12.49 -25.69 -8.87
C HIS B 205 12.23 -24.19 -8.87
N GLY B 206 11.96 -23.58 -7.71
CA GLY B 206 11.58 -22.18 -7.72
C GLY B 206 12.69 -21.22 -8.03
N ALA B 207 13.95 -21.68 -8.01
CA ALA B 207 15.11 -20.87 -8.30
C ALA B 207 15.99 -21.57 -9.31
N ASP B 208 15.39 -22.29 -10.27
CA ASP B 208 16.21 -23.07 -11.20
C ASP B 208 17.06 -22.17 -12.09
N VAL B 209 16.52 -21.02 -12.53
CA VAL B 209 17.31 -20.13 -13.39
C VAL B 209 18.55 -19.66 -12.64
N TRP B 210 18.33 -19.08 -11.46
CA TRP B 210 19.42 -18.75 -10.55
C TRP B 210 20.38 -19.92 -10.39
N ALA B 211 19.85 -21.11 -10.13
CA ALA B 211 20.71 -22.24 -9.81
C ALA B 211 21.59 -22.62 -11.00
N GLU B 212 21.00 -22.73 -12.18
CA GLU B 212 21.76 -23.24 -13.31
C GLU B 212 22.72 -22.19 -13.86
N TYR B 213 22.36 -20.90 -13.78
CA TYR B 213 23.22 -19.87 -14.33
C TYR B 213 24.39 -19.54 -13.41
N PHE B 214 24.23 -19.63 -12.09
CA PHE B 214 25.33 -19.33 -11.18
C PHE B 214 25.97 -20.56 -10.56
N TYR B 215 25.53 -21.77 -10.92
CA TYR B 215 26.08 -23.01 -10.36
C TYR B 215 25.85 -23.14 -8.85
N THR B 216 24.76 -22.58 -8.33
CA THR B 216 24.40 -22.74 -6.92
C THR B 216 23.41 -23.89 -6.77
N LYS B 217 23.21 -24.33 -5.52
CA LYS B 217 22.16 -25.29 -5.18
C LYS B 217 21.29 -24.65 -4.11
N PRO B 218 20.32 -23.81 -4.50
CA PRO B 218 19.47 -23.18 -3.49
C PRO B 218 18.56 -24.19 -2.83
N ALA B 219 18.35 -24.00 -1.54
CA ALA B 219 17.49 -24.86 -0.74
C ALA B 219 16.50 -23.96 -0.02
N THR B 220 15.60 -24.56 0.75
CA THR B 220 14.62 -23.79 1.50
C THR B 220 15.25 -23.28 2.79
N VAL B 221 14.57 -22.30 3.40
CA VAL B 221 15.00 -21.84 4.71
C VAL B 221 14.94 -22.99 5.72
N LEU B 222 13.93 -23.85 5.62
CA LEU B 222 13.84 -24.99 6.53
C LEU B 222 15.03 -25.92 6.39
N ASP B 223 15.46 -26.20 5.15
CA ASP B 223 16.69 -26.97 4.93
C ASP B 223 17.85 -26.38 5.72
N TYR B 224 18.04 -25.06 5.67
CA TYR B 224 19.14 -24.45 6.40
C TYR B 224 18.93 -24.57 7.90
N ALA B 225 17.68 -24.40 8.35
CA ALA B 225 17.37 -24.54 9.77
C ALA B 225 17.71 -25.94 10.28
N GLU B 226 17.36 -26.99 9.51
CA GLU B 226 17.63 -28.36 9.96
C GLU B 226 19.12 -28.67 9.91
N ALA B 227 19.80 -28.23 8.86
CA ALA B 227 21.25 -28.36 8.83
C ALA B 227 21.88 -27.68 10.04
N ALA B 228 21.46 -26.44 10.32
CA ALA B 228 22.02 -25.72 11.46
C ALA B 228 21.66 -26.38 12.78
N LYS B 229 20.42 -26.85 12.92
CA LYS B 229 20.03 -27.50 14.18
C LYS B 229 20.87 -28.74 14.45
N ALA B 230 21.06 -29.60 13.44
CA ALA B 230 21.88 -30.79 13.64
C ALA B 230 23.28 -30.45 14.12
N ALA B 231 23.73 -29.21 13.92
CA ALA B 231 25.08 -28.82 14.30
C ALA B 231 25.13 -27.99 15.58
N GLY B 232 23.98 -27.73 16.20
CA GLY B 232 23.94 -26.97 17.43
C GLY B 232 23.66 -25.48 17.28
N PHE B 233 23.10 -25.06 16.15
CA PHE B 233 22.71 -23.67 15.91
C PHE B 233 21.19 -23.55 15.90
N GLU B 234 20.69 -22.48 16.49
CA GLU B 234 19.28 -22.17 16.55
C GLU B 234 18.96 -20.99 15.63
N LEU B 235 17.90 -21.11 14.85
CA LEU B 235 17.42 -20.02 14.00
C LEU B 235 16.73 -18.96 14.85
N VAL B 236 17.29 -17.74 14.89
CA VAL B 236 16.69 -16.68 15.70
C VAL B 236 16.15 -15.51 14.88
N ASP B 237 16.42 -15.44 13.58
CA ASP B 237 15.86 -14.34 12.78
C ASP B 237 15.72 -14.81 11.33
N ASP B 238 14.58 -14.48 10.73
CA ASP B 238 14.25 -14.95 9.39
C ASP B 238 13.46 -13.84 8.70
N VAL B 239 14.10 -13.13 7.78
CA VAL B 239 13.57 -11.92 7.14
C VAL B 239 13.47 -12.14 5.63
N ASP B 240 12.34 -11.77 5.05
CA ASP B 240 12.13 -11.84 3.61
C ASP B 240 12.43 -10.46 3.02
N ALA B 241 13.38 -10.39 2.08
CA ALA B 241 13.69 -9.13 1.40
C ALA B 241 13.57 -9.28 -0.12
N THR B 242 12.63 -10.11 -0.57
CA THR B 242 12.48 -10.37 -2.01
C THR B 242 12.03 -9.12 -2.76
N SER B 243 11.03 -8.40 -2.24
CA SER B 243 10.57 -7.20 -2.95
C SER B 243 11.65 -6.12 -2.98
N GLU B 244 12.39 -5.97 -1.88
CA GLU B 244 13.38 -4.91 -1.76
C GLU B 244 14.59 -5.15 -2.63
N THR B 245 14.85 -6.39 -3.03
CA THR B 245 15.99 -6.69 -3.88
C THR B 245 15.61 -6.87 -5.34
N LEU B 246 14.33 -7.05 -5.65
CA LEU B 246 13.93 -7.14 -7.06
C LEU B 246 14.44 -5.99 -7.92
N PRO B 247 14.42 -4.72 -7.48
CA PRO B 247 14.93 -3.65 -8.36
C PRO B 247 16.37 -3.82 -8.79
N PHE B 248 17.18 -4.63 -8.08
CA PHE B 248 18.55 -4.86 -8.52
C PHE B 248 18.58 -5.37 -9.94
N TRP B 249 17.64 -6.25 -10.30
CA TRP B 249 17.66 -6.85 -11.62
C TRP B 249 17.33 -5.83 -12.69
N GLU B 250 16.49 -4.86 -12.34
CA GLU B 250 16.18 -3.80 -13.29
C GLU B 250 17.40 -2.94 -13.55
N GLU B 251 18.15 -2.58 -12.50
CA GLU B 251 19.31 -1.75 -12.72
C GLU B 251 20.45 -2.53 -13.37
N SER B 252 20.57 -3.80 -13.04
CA SER B 252 21.57 -4.68 -13.65
C SER B 252 21.28 -4.90 -15.13
N THR B 253 20.01 -5.09 -15.49
CA THR B 253 19.60 -5.15 -16.89
C THR B 253 19.87 -3.83 -17.62
N ALA B 254 19.58 -2.70 -16.97
CA ALA B 254 19.77 -1.40 -17.61
C ALA B 254 21.26 -1.08 -17.79
N TRP B 255 22.10 -1.43 -16.82
CA TRP B 255 23.55 -1.29 -17.01
C TRP B 255 24.01 -2.09 -18.23
N THR B 256 23.56 -3.35 -18.33
CA THR B 256 24.02 -4.21 -19.41
C THR B 256 23.58 -3.67 -20.76
N LYS B 257 22.33 -3.21 -20.86
CA LYS B 257 21.84 -2.64 -22.12
C LYS B 257 22.61 -1.37 -22.46
N ALA B 258 22.91 -0.56 -21.45
CA ALA B 258 23.65 0.67 -21.71
C ALA B 258 25.04 0.38 -22.26
N VAL B 259 25.71 -0.65 -21.74
CA VAL B 259 27.02 -1.01 -22.28
C VAL B 259 26.89 -1.48 -23.72
N LEU B 260 25.93 -2.38 -23.98
CA LEU B 260 25.75 -2.89 -25.33
C LEU B 260 25.47 -1.75 -26.32
N ASP B 261 24.68 -0.76 -25.90
CA ASP B 261 24.33 0.34 -26.79
C ASP B 261 25.49 1.28 -27.04
N SER B 262 26.37 1.48 -26.05
CA SER B 262 27.30 2.60 -26.08
C SER B 262 28.78 2.22 -26.24
N ASP B 263 29.17 0.95 -26.06
CA ASP B 263 30.59 0.57 -26.09
C ASP B 263 30.94 -0.06 -27.45
N SER B 264 31.59 0.72 -28.31
CA SER B 264 31.98 0.22 -29.63
C SER B 264 33.28 -0.56 -29.61
N THR B 265 34.00 -0.56 -28.50
CA THR B 265 35.26 -1.30 -28.40
C THR B 265 35.07 -2.78 -28.02
N LEU B 266 33.83 -3.22 -27.78
CA LEU B 266 33.62 -4.61 -27.38
C LEU B 266 34.05 -5.57 -28.47
N SER B 267 34.78 -6.61 -28.09
CA SER B 267 35.00 -7.72 -29.00
C SER B 267 33.70 -8.49 -29.23
N ALA B 268 33.64 -9.22 -30.35
CA ALA B 268 32.46 -10.02 -30.64
C ALA B 268 32.14 -10.97 -29.48
N VAL B 269 33.18 -11.61 -28.94
CA VAL B 269 32.99 -12.52 -27.81
C VAL B 269 32.46 -11.75 -26.59
N ASP B 270 33.07 -10.59 -26.29
CA ASP B 270 32.66 -9.82 -25.13
C ASP B 270 31.23 -9.31 -25.28
N ARG B 271 30.85 -8.90 -26.49
CA ARG B 271 29.50 -8.43 -26.74
C ARG B 271 28.49 -9.57 -26.62
N ARG B 272 28.86 -10.77 -27.07
CA ARG B 272 27.97 -11.91 -26.94
C ARG B 272 27.73 -12.27 -25.47
N GLN B 273 28.79 -12.21 -24.66
CA GLN B 273 28.67 -12.50 -23.23
C GLN B 273 27.76 -11.50 -22.55
N LEU B 274 27.87 -10.22 -22.92
CA LEU B 274 26.99 -9.21 -22.33
C LEU B 274 25.55 -9.41 -22.77
N ARG B 275 25.34 -9.75 -24.05
CA ARG B 275 23.99 -10.08 -24.49
C ARG B 275 23.42 -11.25 -23.72
N ILE B 276 24.25 -12.28 -23.47
CA ILE B 276 23.82 -13.41 -22.65
C ILE B 276 23.51 -12.95 -21.22
N SER B 277 24.35 -12.09 -20.65
CA SER B 277 24.07 -11.57 -19.32
C SER B 277 22.75 -10.78 -19.30
N LEU B 278 22.48 -10.02 -20.37
CA LEU B 278 21.21 -9.30 -20.42
C LEU B 278 20.03 -10.27 -20.41
N MET B 279 20.11 -11.33 -21.23
CA MET B 279 19.04 -12.32 -21.26
C MET B 279 18.83 -12.99 -19.91
N ALA B 280 19.93 -13.37 -19.24
CA ALA B 280 19.82 -14.00 -17.93
C ALA B 280 19.24 -13.05 -16.90
N ASN B 281 19.66 -11.78 -16.96
CA ASN B 281 19.14 -10.79 -16.02
C ASN B 281 17.63 -10.63 -16.16
N GLN B 282 17.11 -10.66 -17.38
CA GLN B 282 15.65 -10.62 -17.52
C GLN B 282 15.03 -11.90 -17.01
N ALA B 283 15.61 -13.06 -17.34
CA ALA B 283 15.09 -14.32 -16.84
C ALA B 283 15.16 -14.36 -15.32
N LEU B 284 16.23 -13.81 -14.72
CA LEU B 284 16.39 -13.85 -13.28
C LEU B 284 15.39 -12.92 -12.59
N GLY B 285 15.19 -11.70 -13.12
CA GLY B 285 14.19 -10.81 -12.56
C GLY B 285 12.80 -11.40 -12.61
N ALA B 286 12.45 -12.07 -13.72
CA ALA B 286 11.15 -12.73 -13.80
C ALA B 286 11.05 -13.87 -12.78
N GLU B 287 12.12 -14.66 -12.63
CA GLU B 287 12.12 -15.70 -11.59
C GLU B 287 11.94 -15.10 -10.20
N TRP B 288 12.61 -13.98 -9.93
CA TRP B 288 12.48 -13.28 -8.65
C TRP B 288 11.03 -12.96 -8.31
N GLN B 289 10.21 -12.67 -9.32
CA GLN B 289 8.83 -12.26 -9.08
C GLN B 289 7.86 -13.42 -9.06
N ALA B 290 8.26 -14.60 -9.53
CA ALA B 290 7.31 -15.66 -9.82
C ALA B 290 6.85 -16.45 -8.60
N GLY B 291 7.36 -16.17 -7.41
CA GLY B 291 6.87 -16.78 -6.20
C GLY B 291 7.71 -17.92 -5.65
N GLY B 292 8.50 -18.58 -6.49
CA GLY B 292 9.27 -19.71 -6.01
C GLY B 292 10.62 -19.38 -5.41
N LEU B 293 11.01 -18.10 -5.39
CA LEU B 293 12.31 -17.66 -4.90
C LEU B 293 12.14 -16.68 -3.74
N ARG B 294 13.04 -16.77 -2.77
CA ARG B 294 13.02 -15.88 -1.62
C ARG B 294 14.43 -15.39 -1.36
N LEU B 295 14.64 -14.07 -1.43
CA LEU B 295 15.87 -13.45 -0.98
C LEU B 295 15.70 -13.22 0.52
N GLY B 296 16.44 -13.97 1.33
CA GLY B 296 16.25 -13.96 2.76
C GLY B 296 17.51 -13.52 3.50
N PHE B 297 17.31 -12.93 4.68
CA PHE B 297 18.35 -12.74 5.68
C PHE B 297 18.06 -13.65 6.87
N LEU B 298 19.05 -14.44 7.27
CA LEU B 298 18.90 -15.38 8.37
C LEU B 298 19.97 -15.08 9.40
N ARG B 299 19.63 -15.31 10.67
CA ARG B 299 20.64 -15.28 11.70
C ARG B 299 20.45 -16.47 12.64
N PHE B 300 21.55 -17.19 12.86
CA PHE B 300 21.61 -18.31 13.78
C PHE B 300 22.47 -17.95 14.97
N GLU B 301 22.20 -18.61 16.10
CA GLU B 301 23.02 -18.48 17.29
C GLU B 301 23.48 -19.87 17.73
N ARG B 302 24.77 -20.02 17.98
CA ARG B 302 25.31 -21.28 18.46
C ARG B 302 24.83 -21.53 19.86
N TYR C 28 -25.13 -29.46 14.23
CA TYR C 28 -24.89 -28.69 13.01
C TYR C 28 -25.57 -29.28 11.80
N ASP C 29 -26.52 -28.54 11.21
CA ASP C 29 -27.01 -28.92 9.88
C ASP C 29 -25.87 -28.82 8.87
N ASP C 30 -26.14 -29.22 7.62
CA ASP C 30 -25.07 -29.32 6.64
C ASP C 30 -24.44 -27.95 6.35
N LYS C 31 -25.27 -26.93 6.12
CA LYS C 31 -24.76 -25.60 5.80
C LYS C 31 -23.91 -25.05 6.95
N THR C 32 -24.38 -25.22 8.19
CA THR C 32 -23.64 -24.72 9.33
C THR C 32 -22.33 -25.47 9.52
N ALA C 33 -22.37 -26.79 9.35
CA ALA C 33 -21.17 -27.61 9.53
C ALA C 33 -20.07 -27.20 8.57
N LYS C 34 -20.41 -26.90 7.33
CA LYS C 34 -19.41 -26.47 6.35
C LYS C 34 -18.85 -25.10 6.72
N LEU C 35 -19.71 -24.25 7.28
CA LEU C 35 -19.27 -22.96 7.80
C LEU C 35 -18.29 -23.15 8.97
N VAL C 36 -18.61 -24.05 9.89
CA VAL C 36 -17.72 -24.29 11.03
C VAL C 36 -16.40 -24.90 10.57
N ARG C 37 -16.40 -25.70 9.50
CA ARG C 37 -15.13 -26.22 9.00
C ARG C 37 -14.22 -25.09 8.55
N LYS C 38 -14.79 -24.05 7.94
CA LYS C 38 -13.95 -22.99 7.34
C LYS C 38 -13.56 -21.95 8.38
N TYR C 39 -14.48 -21.58 9.27
CA TYR C 39 -14.27 -20.45 10.16
C TYR C 39 -14.15 -20.83 11.63
N GLY C 40 -14.52 -22.06 12.00
CA GLY C 40 -14.37 -22.53 13.35
C GLY C 40 -12.93 -22.85 13.71
N PRO C 41 -12.74 -23.58 14.81
CA PRO C 41 -13.83 -24.15 15.63
C PRO C 41 -14.39 -23.17 16.66
N GLY C 42 -15.39 -23.58 17.44
CA GLY C 42 -15.88 -22.78 18.54
C GLY C 42 -14.82 -22.56 19.59
N PRO C 43 -15.13 -21.70 20.59
CA PRO C 43 -16.45 -21.11 20.83
C PRO C 43 -16.70 -19.78 20.09
N ARG C 44 -15.67 -19.18 19.50
CA ARG C 44 -15.77 -17.88 18.84
C ARG C 44 -15.58 -18.07 17.34
N ILE C 45 -16.68 -17.95 16.61
CA ILE C 45 -16.71 -18.15 15.16
C ILE C 45 -17.31 -16.91 14.52
N HIS C 46 -16.58 -16.31 13.58
CA HIS C 46 -17.01 -15.11 12.89
C HIS C 46 -17.43 -15.46 11.46
N TYR C 47 -18.43 -14.73 10.95
CA TYR C 47 -18.87 -14.93 9.58
C TYR C 47 -19.01 -13.56 8.92
N HIS C 48 -17.87 -12.98 8.54
CA HIS C 48 -17.75 -11.68 7.91
C HIS C 48 -16.33 -11.60 7.39
N VAL C 49 -16.02 -10.56 6.61
CA VAL C 49 -14.66 -10.46 6.07
C VAL C 49 -13.68 -10.16 7.19
N GLY C 50 -12.39 -10.29 6.91
CA GLY C 50 -11.37 -9.95 7.88
C GLY C 50 -10.65 -8.67 7.50
N TYR C 51 -9.99 -8.04 8.47
CA TYR C 51 -9.37 -6.73 8.28
C TYR C 51 -7.85 -6.89 8.28
N TYR C 52 -7.21 -6.36 7.24
CA TYR C 52 -5.77 -6.50 7.02
C TYR C 52 -5.16 -5.10 6.97
N PRO C 53 -4.55 -4.64 8.07
CA PRO C 53 -4.16 -3.21 8.15
C PRO C 53 -3.21 -2.78 7.05
N SER C 54 -2.30 -3.65 6.63
CA SER C 54 -1.39 -3.36 5.53
C SER C 54 -2.05 -3.35 4.17
N SER C 55 -3.33 -3.74 4.08
CA SER C 55 -4.00 -3.95 2.79
C SER C 55 -3.25 -4.96 1.93
N GLU C 56 -2.56 -5.90 2.57
CA GLU C 56 -1.87 -6.95 1.86
C GLU C 56 -2.09 -8.29 2.55
N ALA C 57 -2.19 -9.35 1.75
CA ALA C 57 -2.35 -10.68 2.32
C ALA C 57 -1.02 -11.17 2.89
N PRO C 58 -1.04 -11.87 4.02
CA PRO C 58 0.19 -12.47 4.54
C PRO C 58 0.83 -13.37 3.50
N ARG C 59 2.14 -13.28 3.39
CA ARG C 59 2.86 -14.13 2.45
C ARG C 59 2.80 -15.57 2.93
N HIS C 60 2.66 -16.49 1.98
CA HIS C 60 2.64 -17.91 2.30
C HIS C 60 3.95 -18.32 2.96
N THR C 61 3.85 -19.05 4.07
CA THR C 61 5.01 -19.70 4.66
C THR C 61 5.14 -21.12 4.09
N ARG C 62 5.92 -21.97 4.75
CA ARG C 62 6.02 -23.36 4.31
C ARG C 62 4.75 -24.15 4.60
N ASP C 63 3.90 -23.69 5.52
CA ASP C 63 2.63 -24.33 5.80
C ASP C 63 1.53 -23.65 4.98
N VAL C 64 1.00 -24.37 3.98
CA VAL C 64 -0.11 -23.90 3.15
C VAL C 64 -1.25 -24.90 3.16
N THR C 65 -1.40 -25.64 4.26
CA THR C 65 -2.55 -26.49 4.46
C THR C 65 -3.80 -25.66 4.70
N PRO C 66 -4.99 -26.23 4.51
CA PRO C 66 -6.21 -25.49 4.84
C PRO C 66 -6.18 -24.88 6.23
N ASP C 67 -5.57 -25.57 7.21
CA ASP C 67 -5.61 -25.03 8.58
C ASP C 67 -4.79 -23.75 8.71
N ALA C 68 -3.71 -23.62 7.94
CA ALA C 68 -2.90 -22.40 7.99
C ALA C 68 -3.70 -21.19 7.48
N PHE C 69 -4.49 -21.37 6.43
CA PHE C 69 -5.29 -20.25 5.95
C PHE C 69 -6.47 -19.99 6.87
N ARG C 70 -7.07 -21.06 7.42
CA ARG C 70 -8.16 -20.88 8.37
C ARG C 70 -7.72 -20.08 9.58
N ARG C 71 -6.52 -20.38 10.12
CA ARG C 71 -6.06 -19.64 11.29
C ARG C 71 -5.88 -18.17 10.95
N SER C 72 -5.25 -17.89 9.80
CA SER C 72 -5.01 -16.51 9.41
C SER C 72 -6.33 -15.79 9.15
N ILE C 73 -7.29 -16.45 8.50
CA ILE C 73 -8.60 -15.83 8.28
C ILE C 73 -9.23 -15.48 9.63
N ARG C 74 -9.23 -16.44 10.56
CA ARG C 74 -9.80 -16.18 11.89
C ARG C 74 -9.08 -15.04 12.59
N LEU C 75 -7.76 -14.96 12.44
CA LEU C 75 -7.01 -13.90 13.11
C LEU C 75 -7.46 -12.53 12.62
N HIS C 76 -7.67 -12.37 11.32
CA HIS C 76 -8.06 -11.07 10.80
C HIS C 76 -9.54 -10.79 10.94
N GLN C 77 -10.36 -11.82 11.15
CA GLN C 77 -11.75 -11.57 11.49
C GLN C 77 -11.87 -10.97 12.88
N GLU C 78 -11.19 -11.59 13.87
CA GLU C 78 -11.03 -10.97 15.18
C GLU C 78 -10.44 -9.58 15.05
N GLY C 79 -9.47 -9.42 14.13
CA GLY C 79 -8.87 -8.12 13.95
C GLY C 79 -9.87 -7.08 13.49
N LEU C 80 -10.79 -7.48 12.61
CA LEU C 80 -11.84 -6.57 12.19
C LEU C 80 -12.66 -6.07 13.37
N LEU C 81 -13.03 -6.97 14.28
CA LEU C 81 -13.79 -6.54 15.44
C LEU C 81 -12.95 -5.63 16.34
N ARG C 82 -11.65 -5.91 16.46
CA ARG C 82 -10.78 -5.05 17.26
C ARG C 82 -10.67 -3.65 16.65
N TYR C 83 -10.53 -3.58 15.33
CA TYR C 83 -10.54 -2.29 14.66
C TYR C 83 -11.86 -1.56 14.86
N ALA C 84 -12.97 -2.29 14.70
CA ALA C 84 -14.29 -1.68 14.90
C ALA C 84 -14.45 -1.16 16.33
N ALA C 85 -14.01 -1.93 17.32
CA ALA C 85 -14.10 -1.48 18.71
C ALA C 85 -13.29 -0.20 18.93
N LYS C 86 -12.19 -0.07 18.21
CA LYS C 86 -11.35 1.13 18.25
C LYS C 86 -12.09 2.35 17.70
N ILE C 87 -12.42 2.34 16.41
CA ILE C 87 -13.00 3.53 15.80
C ILE C 87 -14.34 3.89 16.43
N TRP C 88 -15.04 2.92 17.01
CA TRP C 88 -16.34 3.15 17.61
C TRP C 88 -16.29 3.42 19.12
N GLY C 89 -15.11 3.41 19.74
CA GLY C 89 -15.00 3.62 21.17
C GLY C 89 -15.90 2.71 21.99
N ALA C 90 -15.68 1.39 21.87
CA ALA C 90 -16.59 0.43 22.49
C ALA C 90 -16.52 0.44 24.00
N GLU C 91 -15.38 0.82 24.58
CA GLU C 91 -15.30 0.93 26.03
C GLU C 91 -16.36 1.89 26.56
N HIS C 92 -16.62 2.97 25.82
CA HIS C 92 -17.70 3.89 26.12
C HIS C 92 -19.03 3.44 25.52
N ARG C 93 -19.07 3.20 24.20
CA ARG C 93 -20.33 3.11 23.48
C ARG C 93 -20.88 1.69 23.35
N LEU C 94 -20.05 0.65 23.51
CA LEU C 94 -20.52 -0.71 23.30
C LEU C 94 -20.31 -1.59 24.52
N SER C 95 -20.29 -1.01 25.71
CA SER C 95 -20.13 -1.80 26.93
C SER C 95 -21.41 -1.90 27.75
N GLY C 96 -22.51 -1.32 27.28
CA GLY C 96 -23.77 -1.39 28.01
C GLY C 96 -24.68 -2.50 27.55
N ARG C 97 -25.96 -2.19 27.41
CA ARG C 97 -26.94 -3.15 26.89
C ARG C 97 -27.06 -2.92 25.40
N ILE C 98 -26.62 -3.88 24.59
CA ILE C 98 -26.54 -3.68 23.15
C ILE C 98 -27.26 -4.81 22.42
N LEU C 99 -27.71 -4.50 21.21
CA LEU C 99 -28.25 -5.48 20.27
C LEU C 99 -27.16 -5.82 19.26
N ASP C 100 -26.91 -7.11 19.09
CA ASP C 100 -26.03 -7.61 18.03
C ASP C 100 -26.97 -8.18 16.97
N VAL C 101 -27.26 -7.38 15.94
CA VAL C 101 -28.27 -7.73 14.94
C VAL C 101 -27.60 -8.55 13.85
N GLY C 102 -28.10 -9.77 13.65
CA GLY C 102 -27.48 -10.71 12.72
C GLY C 102 -26.19 -11.25 13.28
N CYS C 103 -26.28 -12.00 14.37
CA CYS C 103 -25.12 -12.42 15.13
C CYS C 103 -24.39 -13.61 14.51
N GLY C 104 -24.94 -14.20 13.44
CA GLY C 104 -24.31 -15.37 12.84
C GLY C 104 -24.19 -16.48 13.87
N LEU C 105 -22.95 -16.93 14.11
CA LEU C 105 -22.70 -17.94 15.13
C LEU C 105 -22.18 -17.32 16.42
N GLY C 106 -22.43 -16.03 16.64
CA GLY C 106 -22.20 -15.42 17.94
C GLY C 106 -20.79 -14.91 18.19
N GLY C 107 -19.89 -15.01 17.21
CA GLY C 107 -18.54 -14.53 17.40
C GLY C 107 -18.48 -13.09 17.89
N GLY C 108 -19.16 -12.19 17.19
CA GLY C 108 -19.22 -10.80 17.63
C GLY C 108 -19.87 -10.67 19.00
N SER C 109 -21.01 -11.34 19.19
CA SER C 109 -21.74 -11.29 20.46
C SER C 109 -20.84 -11.65 21.64
N LEU C 110 -20.05 -12.73 21.50
CA LEU C 110 -19.13 -13.10 22.57
C LEU C 110 -18.02 -12.08 22.71
N PHE C 111 -17.56 -11.51 21.60
CA PHE C 111 -16.55 -10.46 21.65
C PHE C 111 -17.00 -9.28 22.51
N TRP C 112 -18.14 -8.65 22.18
CA TRP C 112 -18.56 -7.48 22.95
C TRP C 112 -18.80 -7.84 24.40
N ALA C 113 -19.40 -9.02 24.65
CA ALA C 113 -19.60 -9.49 26.01
C ALA C 113 -18.27 -9.66 26.74
N GLN C 114 -17.29 -10.31 26.09
CA GLN C 114 -16.03 -10.58 26.75
C GLN C 114 -15.14 -9.34 26.79
N GLU C 115 -14.85 -8.74 25.64
CA GLU C 115 -13.85 -7.69 25.62
C GLU C 115 -14.33 -6.40 26.28
N TYR C 116 -15.64 -6.23 26.45
CA TYR C 116 -16.14 -4.96 26.97
C TYR C 116 -17.28 -5.14 27.97
N GLY C 117 -17.54 -6.35 28.45
CA GLY C 117 -18.54 -6.54 29.48
C GLY C 117 -19.93 -6.11 29.09
N ALA C 118 -20.30 -6.29 27.82
CA ALA C 118 -21.60 -5.86 27.35
C ALA C 118 -22.68 -6.87 27.75
N ASP C 119 -23.90 -6.36 27.93
CA ASP C 119 -25.08 -7.19 28.02
C ASP C 119 -25.67 -7.28 26.61
N VAL C 120 -25.48 -8.42 25.97
CA VAL C 120 -25.70 -8.55 24.53
C VAL C 120 -27.00 -9.30 24.30
N THR C 121 -27.91 -8.69 23.54
CA THR C 121 -29.08 -9.40 23.03
C THR C 121 -28.80 -9.77 21.57
N ALA C 122 -28.63 -11.07 21.32
CA ALA C 122 -28.15 -11.58 20.05
C ALA C 122 -29.33 -12.00 19.19
N VAL C 123 -29.45 -11.40 18.02
CA VAL C 123 -30.59 -11.56 17.14
C VAL C 123 -30.15 -12.37 15.93
N THR C 124 -30.82 -13.49 15.68
CA THR C 124 -30.60 -14.29 14.49
C THR C 124 -31.94 -14.53 13.80
N ASN C 125 -31.88 -14.69 12.49
CA ASN C 125 -33.01 -15.10 11.68
C ASN C 125 -33.18 -16.61 11.63
N ALA C 126 -32.24 -17.37 12.20
CA ALA C 126 -32.25 -18.83 12.11
C ALA C 126 -32.33 -19.45 13.49
N PRO C 127 -33.47 -20.04 13.86
CA PRO C 127 -33.60 -20.62 15.21
C PRO C 127 -32.56 -21.68 15.51
N GLU C 128 -31.95 -22.29 14.49
CA GLU C 128 -30.97 -23.34 14.73
C GLU C 128 -29.70 -22.80 15.37
N HIS C 129 -29.33 -21.55 15.05
CA HIS C 129 -28.13 -20.97 15.64
C HIS C 129 -28.37 -20.46 17.06
N ALA C 130 -29.63 -20.24 17.44
CA ALA C 130 -29.94 -19.74 18.78
C ALA C 130 -29.33 -20.60 19.89
N PRO C 131 -29.51 -21.92 19.93
CA PRO C 131 -28.87 -22.70 21.01
C PRO C 131 -27.36 -22.76 20.88
N ILE C 132 -26.82 -22.69 19.66
CA ILE C 132 -25.37 -22.76 19.48
C ILE C 132 -24.68 -21.55 20.12
N VAL C 133 -25.21 -20.36 19.86
CA VAL C 133 -24.63 -19.15 20.44
C VAL C 133 -24.66 -19.21 21.97
N GLU C 134 -25.77 -19.67 22.54
CA GLU C 134 -25.88 -19.77 23.99
C GLU C 134 -24.88 -20.77 24.56
N GLY C 135 -24.77 -21.95 23.93
CA GLY C 135 -23.76 -22.89 24.36
C GLY C 135 -22.36 -22.33 24.29
N PHE C 136 -22.08 -21.56 23.23
CA PHE C 136 -20.76 -20.92 23.11
C PHE C 136 -20.54 -19.89 24.22
N ALA C 137 -21.59 -19.12 24.55
CA ALA C 137 -21.45 -18.11 25.60
C ALA C 137 -21.18 -18.73 26.96
N ARG C 138 -21.89 -19.81 27.29
CA ARG C 138 -21.56 -20.58 28.50
C ARG C 138 -20.08 -20.92 28.53
N GLU C 139 -19.56 -21.43 27.42
CA GLU C 139 -18.18 -21.88 27.34
C GLU C 139 -17.20 -20.73 27.58
N CYS C 140 -17.60 -19.51 27.25
N CYS C 140 -17.60 -19.51 27.25
CA CYS C 140 -16.76 -18.34 27.45
CA CYS C 140 -16.75 -18.34 27.45
C CYS C 140 -16.98 -17.67 28.80
C CYS C 140 -17.03 -17.63 28.77
N GLY C 141 -17.93 -18.15 29.60
CA GLY C 141 -18.22 -17.56 30.89
C GLY C 141 -19.06 -16.31 30.85
N VAL C 142 -19.68 -15.99 29.71
CA VAL C 142 -20.53 -14.82 29.60
C VAL C 142 -21.96 -15.26 29.33
N GLY C 143 -22.29 -16.48 29.75
CA GLY C 143 -23.66 -16.94 29.60
C GLY C 143 -24.69 -16.00 30.19
N GLY C 144 -24.34 -15.38 31.32
CA GLY C 144 -25.27 -14.46 31.96
C GLY C 144 -25.41 -13.12 31.27
N ARG C 145 -24.52 -12.80 30.33
CA ARG C 145 -24.53 -11.52 29.64
C ARG C 145 -24.71 -11.66 28.13
N VAL C 146 -25.15 -12.83 27.67
CA VAL C 146 -25.51 -13.04 26.27
C VAL C 146 -26.89 -13.70 26.21
N ARG C 147 -27.79 -13.09 25.46
CA ARG C 147 -29.17 -13.54 25.35
C ARG C 147 -29.52 -13.62 23.87
N THR C 148 -30.23 -14.67 23.49
CA THR C 148 -30.55 -14.89 22.08
C THR C 148 -32.01 -14.53 21.79
N LEU C 149 -32.23 -13.93 20.62
CA LEU C 149 -33.57 -13.62 20.11
C LEU C 149 -33.70 -14.16 18.69
N VAL C 150 -34.82 -14.77 18.39
CA VAL C 150 -35.01 -15.49 17.13
C VAL C 150 -36.16 -14.82 16.39
N CYS C 151 -35.84 -13.80 15.60
CA CYS C 151 -36.87 -13.12 14.83
C CYS C 151 -36.45 -12.99 13.38
N ASP C 152 -37.20 -12.20 12.62
CA ASP C 152 -36.91 -11.91 11.22
C ASP C 152 -36.63 -10.42 11.12
N ALA C 153 -35.33 -10.07 11.08
CA ALA C 153 -34.86 -8.72 10.78
C ALA C 153 -35.52 -7.67 11.68
N MET C 154 -35.69 -8.03 12.96
CA MET C 154 -36.08 -7.11 14.02
C MET C 154 -37.52 -6.63 13.90
N HIS C 155 -38.33 -7.26 13.05
CA HIS C 155 -39.66 -6.75 12.78
C HIS C 155 -40.62 -6.93 13.96
N LEU C 156 -40.26 -7.73 14.95
CA LEU C 156 -41.17 -8.12 16.01
C LEU C 156 -40.78 -7.48 17.32
N PRO C 157 -41.69 -7.47 18.30
CA PRO C 157 -41.41 -6.81 19.60
C PRO C 157 -40.05 -7.18 20.19
N LEU C 158 -39.42 -6.19 20.86
CA LEU C 158 -38.15 -6.35 21.58
C LEU C 158 -38.36 -5.87 23.02
N ASP C 159 -38.86 -6.74 23.89
CA ASP C 159 -39.18 -6.33 25.25
C ASP C 159 -37.93 -6.21 26.12
N GLY C 160 -36.77 -5.96 25.51
CA GLY C 160 -35.52 -5.97 26.25
C GLY C 160 -35.11 -4.65 26.89
N GLY C 161 -36.08 -3.78 27.18
CA GLY C 161 -35.80 -2.50 27.78
C GLY C 161 -35.03 -1.62 26.81
N PRO C 162 -34.89 -0.33 27.12
CA PRO C 162 -34.07 0.54 26.26
C PRO C 162 -32.67 -0.03 26.09
N TYR C 163 -32.19 0.01 24.85
CA TYR C 163 -30.85 -0.45 24.54
C TYR C 163 -29.91 0.74 24.39
N ASP C 164 -28.64 0.53 24.76
CA ASP C 164 -27.61 1.55 24.65
C ASP C 164 -27.02 1.64 23.25
N ALA C 165 -27.06 0.54 22.48
CA ALA C 165 -26.44 0.52 21.16
C ALA C 165 -26.91 -0.71 20.41
N ALA C 166 -26.75 -0.66 19.09
CA ALA C 166 -26.98 -1.80 18.22
C ALA C 166 -25.81 -1.90 17.25
N VAL C 167 -25.30 -3.13 17.07
CA VAL C 167 -24.17 -3.41 16.19
C VAL C 167 -24.63 -4.39 15.12
N ALA C 168 -24.30 -4.11 13.87
CA ALA C 168 -24.69 -4.96 12.74
C ALA C 168 -23.45 -5.17 11.87
N ILE C 169 -22.84 -6.34 11.98
CA ILE C 169 -21.62 -6.67 11.26
C ILE C 169 -22.04 -7.49 10.05
N GLU C 170 -22.06 -6.87 8.87
CA GLU C 170 -22.33 -7.54 7.59
C GLU C 170 -23.71 -8.19 7.53
N SER C 171 -24.66 -7.72 8.34
CA SER C 171 -26.01 -8.28 8.40
C SER C 171 -27.08 -7.38 7.79
N SER C 172 -26.84 -6.07 7.71
CA SER C 172 -27.88 -5.13 7.31
C SER C 172 -28.19 -5.21 5.81
N GLY C 173 -27.30 -5.82 5.02
CA GLY C 173 -27.59 -6.00 3.61
C GLY C 173 -28.89 -6.74 3.36
N TYR C 174 -29.38 -7.46 4.35
CA TYR C 174 -30.62 -8.22 4.25
C TYR C 174 -31.85 -7.42 4.62
N PHE C 175 -31.71 -6.16 5.05
CA PHE C 175 -32.76 -5.44 5.75
C PHE C 175 -33.40 -4.38 4.87
N ASP C 176 -34.65 -4.06 5.19
CA ASP C 176 -35.29 -2.82 4.73
C ASP C 176 -34.76 -1.70 5.61
N ARG C 177 -33.87 -0.84 5.05
CA ARG C 177 -33.15 0.11 5.91
C ARG C 177 -34.06 1.16 6.52
N PRO C 178 -34.96 1.82 5.77
CA PRO C 178 -35.92 2.73 6.43
C PRO C 178 -36.70 2.08 7.57
N VAL C 179 -37.19 0.86 7.40
CA VAL C 179 -37.93 0.20 8.47
C VAL C 179 -37.00 -0.14 9.62
N TRP C 180 -35.83 -0.72 9.33
CA TRP C 180 -34.89 -1.12 10.37
C TRP C 180 -34.53 0.06 11.27
N PHE C 181 -34.14 1.19 10.66
CA PHE C 181 -33.78 2.38 11.42
C PHE C 181 -34.96 2.93 12.19
N GLU C 182 -36.18 2.82 11.66
CA GLU C 182 -37.35 3.20 12.45
C GLU C 182 -37.48 2.34 13.69
N ARG C 183 -37.33 1.01 13.53
CA ARG C 183 -37.35 0.11 14.69
C ARG C 183 -36.26 0.46 15.68
N LEU C 184 -35.04 0.67 15.18
CA LEU C 184 -33.94 1.06 16.06
C LEU C 184 -34.27 2.37 16.78
N ALA C 185 -34.93 3.30 16.10
CA ALA C 185 -35.28 4.57 16.73
C ALA C 185 -36.13 4.37 17.98
N HIS C 186 -37.04 3.38 17.98
CA HIS C 186 -37.88 3.23 19.16
C HIS C 186 -37.16 2.53 20.32
N VAL C 187 -36.21 1.65 20.04
CA VAL C 187 -35.63 0.81 21.09
C VAL C 187 -34.26 1.28 21.55
N LEU C 188 -33.75 2.38 21.01
CA LEU C 188 -32.48 2.95 21.46
C LEU C 188 -32.72 4.24 22.23
N ARG C 189 -32.02 4.37 23.37
CA ARG C 189 -32.01 5.62 24.12
C ARG C 189 -31.43 6.73 23.27
N PRO C 190 -31.85 7.98 23.50
CA PRO C 190 -31.17 9.12 22.88
C PRO C 190 -29.68 9.08 23.20
N GLY C 191 -28.88 9.45 22.20
CA GLY C 191 -27.45 9.28 22.25
C GLY C 191 -26.96 7.92 21.81
N GLY C 192 -27.80 6.88 21.89
CA GLY C 192 -27.34 5.53 21.59
C GLY C 192 -26.81 5.39 20.18
N SER C 193 -25.93 4.41 19.98
CA SER C 193 -25.20 4.29 18.73
C SER C 193 -25.68 3.09 17.93
N VAL C 194 -25.77 3.27 16.61
CA VAL C 194 -25.97 2.17 15.67
C VAL C 194 -24.65 2.02 14.92
N CYS C 195 -24.04 0.85 15.03
CA CYS C 195 -22.69 0.61 14.49
C CYS C 195 -22.77 -0.43 13.38
N ILE C 196 -22.35 -0.07 12.18
CA ILE C 196 -22.57 -0.89 11.00
C ILE C 196 -21.25 -1.16 10.29
N GLU C 197 -21.04 -2.42 9.90
CA GLU C 197 -20.05 -2.79 8.91
C GLU C 197 -20.79 -3.46 7.77
N GLU C 198 -20.52 -3.04 6.53
CA GLU C 198 -21.38 -3.47 5.43
C GLU C 198 -20.70 -3.25 4.09
N VAL C 199 -21.11 -4.04 3.12
CA VAL C 199 -20.77 -3.80 1.72
C VAL C 199 -21.79 -2.81 1.17
N PHE C 200 -21.30 -1.71 0.63
CA PHE C 200 -22.13 -0.70 0.00
C PHE C 200 -21.75 -0.60 -1.46
N THR C 201 -22.71 -0.18 -2.27
CA THR C 201 -22.39 0.24 -3.63
C THR C 201 -21.91 1.68 -3.63
N THR C 202 -20.95 1.98 -4.51
CA THR C 202 -20.62 3.37 -4.81
C THR C 202 -21.03 3.75 -6.21
N ARG C 203 -21.95 2.98 -6.79
CA ARG C 203 -22.24 2.99 -8.22
C ARG C 203 -23.38 2.00 -8.47
N PRO C 204 -24.26 2.26 -9.43
CA PRO C 204 -25.30 1.27 -9.75
C PRO C 204 -24.70 -0.06 -10.16
N HIS C 205 -25.20 -1.13 -9.54
CA HIS C 205 -24.79 -2.51 -9.81
C HIS C 205 -23.33 -2.79 -9.42
N GLY C 206 -22.75 -1.94 -8.57
CA GLY C 206 -21.35 -2.04 -8.18
C GLY C 206 -21.02 -3.26 -7.33
N ALA C 207 -22.02 -3.89 -6.72
CA ALA C 207 -21.83 -5.07 -5.86
C ALA C 207 -22.79 -6.18 -6.26
N ASP C 208 -23.06 -6.32 -7.56
CA ASP C 208 -24.05 -7.29 -8.02
C ASP C 208 -23.61 -8.73 -7.74
N VAL C 209 -22.32 -9.04 -7.88
CA VAL C 209 -21.86 -10.41 -7.60
C VAL C 209 -22.11 -10.75 -6.14
N TRP C 210 -21.69 -9.85 -5.25
CA TRP C 210 -22.00 -9.98 -3.83
C TRP C 210 -23.50 -10.11 -3.60
N ALA C 211 -24.27 -9.19 -4.18
CA ALA C 211 -25.72 -9.24 -3.99
C ALA C 211 -26.31 -10.58 -4.42
N GLU C 212 -25.96 -11.05 -5.61
CA GLU C 212 -26.65 -12.23 -6.13
C GLU C 212 -26.13 -13.52 -5.52
N TYR C 213 -24.85 -13.57 -5.14
CA TYR C 213 -24.33 -14.78 -4.50
C TYR C 213 -24.76 -14.90 -3.04
N PHE C 214 -24.90 -13.78 -2.31
CA PHE C 214 -25.28 -13.87 -0.90
C PHE C 214 -26.73 -13.48 -0.63
N TYR C 215 -27.54 -13.21 -1.65
CA TYR C 215 -28.95 -12.83 -1.47
C TYR C 215 -29.11 -11.51 -0.69
N THR C 216 -28.19 -10.56 -0.85
CA THR C 216 -28.32 -9.28 -0.16
C THR C 216 -28.84 -8.22 -1.13
N LYS C 217 -29.15 -7.05 -0.58
CA LYS C 217 -29.47 -5.89 -1.41
C LYS C 217 -28.59 -4.73 -0.93
N PRO C 218 -27.35 -4.67 -1.38
CA PRO C 218 -26.47 -3.57 -0.99
C PRO C 218 -26.95 -2.25 -1.58
N ALA C 219 -26.88 -1.21 -0.76
CA ALA C 219 -27.25 0.13 -1.19
C ALA C 219 -26.09 1.08 -0.92
N THR C 220 -26.27 2.35 -1.29
CA THR C 220 -25.19 3.31 -1.14
C THR C 220 -25.14 3.79 0.30
N VAL C 221 -24.04 4.45 0.66
CA VAL C 221 -23.99 5.05 1.99
C VAL C 221 -25.05 6.13 2.13
N LEU C 222 -25.25 6.93 1.07
CA LEU C 222 -26.29 7.94 1.11
C LEU C 222 -27.67 7.34 1.39
N ASP C 223 -27.99 6.19 0.75
CA ASP C 223 -29.23 5.48 1.06
C ASP C 223 -29.35 5.17 2.56
N TYR C 224 -28.29 4.63 3.16
CA TYR C 224 -28.32 4.40 4.59
C TYR C 224 -28.49 5.70 5.36
N ALA C 225 -27.82 6.77 4.91
CA ALA C 225 -27.89 8.04 5.62
C ALA C 225 -29.30 8.64 5.55
N GLU C 226 -29.94 8.59 4.38
CA GLU C 226 -31.31 9.06 4.24
C GLU C 226 -32.25 8.26 5.12
N ALA C 227 -32.12 6.93 5.10
CA ALA C 227 -32.98 6.09 5.93
C ALA C 227 -32.76 6.39 7.40
N ALA C 228 -31.52 6.55 7.81
CA ALA C 228 -31.27 6.81 9.23
C ALA C 228 -31.77 8.20 9.62
N LYS C 229 -31.59 9.20 8.76
CA LYS C 229 -32.02 10.55 9.13
C LYS C 229 -33.53 10.63 9.28
N ALA C 230 -34.26 9.93 8.41
CA ALA C 230 -35.71 9.95 8.48
C ALA C 230 -36.20 9.37 9.81
N ALA C 231 -35.43 8.48 10.43
CA ALA C 231 -35.85 7.84 11.66
C ALA C 231 -35.38 8.58 12.92
N GLY C 232 -34.53 9.59 12.77
CA GLY C 232 -34.06 10.37 13.88
C GLY C 232 -32.62 10.10 14.30
N PHE C 233 -31.79 9.57 13.42
CA PHE C 233 -30.37 9.38 13.69
C PHE C 233 -29.56 10.41 12.92
N GLU C 234 -28.41 10.77 13.48
CA GLU C 234 -27.39 11.52 12.76
C GLU C 234 -26.23 10.60 12.44
N LEU C 235 -25.67 10.76 11.24
CA LEU C 235 -24.46 10.06 10.85
C LEU C 235 -23.25 10.76 11.45
N VAL C 236 -22.51 10.06 12.32
CA VAL C 236 -21.38 10.65 13.03
C VAL C 236 -20.03 10.04 12.66
N ASP C 237 -19.99 8.96 11.89
CA ASP C 237 -18.71 8.39 11.49
C ASP C 237 -18.89 7.57 10.22
N ASP C 238 -18.01 7.78 9.25
CA ASP C 238 -18.11 7.10 7.96
C ASP C 238 -16.69 6.79 7.50
N VAL C 239 -16.30 5.51 7.58
CA VAL C 239 -14.93 5.07 7.33
C VAL C 239 -14.93 4.11 6.14
N ASP C 240 -13.99 4.31 5.22
CA ASP C 240 -13.73 3.38 4.15
C ASP C 240 -12.73 2.32 4.63
N ALA C 241 -13.04 1.04 4.37
CA ALA C 241 -12.12 -0.05 4.69
C ALA C 241 -12.06 -1.06 3.56
N THR C 242 -12.26 -0.61 2.32
CA THR C 242 -12.31 -1.52 1.18
C THR C 242 -10.97 -2.23 0.96
N SER C 243 -9.88 -1.47 0.95
CA SER C 243 -8.60 -2.08 0.60
C SER C 243 -8.04 -2.92 1.74
N GLU C 244 -8.42 -2.61 2.99
CA GLU C 244 -7.99 -3.42 4.12
C GLU C 244 -8.75 -4.74 4.22
N THR C 245 -9.87 -4.88 3.52
CA THR C 245 -10.63 -6.11 3.50
C THR C 245 -10.45 -6.91 2.21
N LEU C 246 -9.85 -6.32 1.17
CA LEU C 246 -9.60 -7.09 -0.04
C LEU C 246 -8.75 -8.35 0.20
N PRO C 247 -7.74 -8.36 1.08
CA PRO C 247 -6.96 -9.60 1.27
C PRO C 247 -7.79 -10.78 1.77
N PHE C 248 -8.90 -10.52 2.48
CA PHE C 248 -9.77 -11.63 2.90
C PHE C 248 -10.11 -12.55 1.75
N TRP C 249 -10.43 -11.97 0.59
CA TRP C 249 -10.84 -12.81 -0.53
C TRP C 249 -9.67 -13.62 -1.04
N GLU C 250 -8.46 -13.07 -0.94
CA GLU C 250 -7.30 -13.85 -1.32
C GLU C 250 -7.08 -15.03 -0.38
N GLU C 251 -7.22 -14.81 0.93
CA GLU C 251 -7.00 -15.91 1.86
C GLU C 251 -8.13 -16.92 1.77
N SER C 252 -9.36 -16.44 1.55
CA SER C 252 -10.50 -17.32 1.41
C SER C 252 -10.38 -18.20 0.18
N THR C 253 -10.04 -17.59 -0.96
CA THR C 253 -9.72 -18.34 -2.18
C THR C 253 -8.67 -19.43 -1.91
N ALA C 254 -7.58 -19.06 -1.23
CA ALA C 254 -6.49 -20.01 -1.01
C ALA C 254 -6.91 -21.14 -0.08
N TRP C 255 -7.73 -20.84 0.93
CA TRP C 255 -8.28 -21.90 1.76
C TRP C 255 -9.02 -22.92 0.89
N THR C 256 -9.89 -22.42 0.00
CA THR C 256 -10.70 -23.30 -0.84
C THR C 256 -9.83 -24.13 -1.76
N LYS C 257 -8.82 -23.51 -2.38
CA LYS C 257 -7.93 -24.28 -3.24
C LYS C 257 -7.20 -25.36 -2.46
N ALA C 258 -6.76 -25.05 -1.25
CA ALA C 258 -6.02 -26.02 -0.47
C ALA C 258 -6.89 -27.20 -0.05
N VAL C 259 -8.17 -26.97 0.25
CA VAL C 259 -9.09 -28.08 0.54
C VAL C 259 -9.29 -28.93 -0.71
N LEU C 260 -9.52 -28.30 -1.86
CA LEU C 260 -9.74 -29.07 -3.08
C LEU C 260 -8.51 -29.89 -3.44
N ASP C 261 -7.31 -29.34 -3.20
CA ASP C 261 -6.07 -30.02 -3.58
C ASP C 261 -5.72 -31.17 -2.64
N SER C 262 -6.19 -31.12 -1.40
CA SER C 262 -5.67 -32.02 -0.38
C SER C 262 -6.69 -33.01 0.17
N ASP C 263 -7.99 -32.70 0.11
CA ASP C 263 -9.01 -33.49 0.81
C ASP C 263 -9.67 -34.44 -0.19
N SER C 264 -9.27 -35.71 -0.15
CA SER C 264 -9.81 -36.73 -1.02
C SER C 264 -11.08 -37.38 -0.47
N THR C 265 -11.45 -37.09 0.78
CA THR C 265 -12.69 -37.64 1.31
C THR C 265 -13.93 -36.87 0.85
N LEU C 266 -13.77 -35.78 0.12
CA LEU C 266 -14.91 -34.98 -0.30
C LEU C 266 -15.84 -35.79 -1.19
N SER C 267 -17.15 -35.68 -0.96
CA SER C 267 -18.11 -36.22 -1.90
C SER C 267 -18.09 -35.39 -3.19
N ALA C 268 -18.59 -36.00 -4.26
CA ALA C 268 -18.69 -35.26 -5.52
C ALA C 268 -19.51 -33.98 -5.35
N VAL C 269 -20.59 -34.06 -4.57
CA VAL C 269 -21.43 -32.89 -4.32
C VAL C 269 -20.67 -31.84 -3.52
N ASP C 270 -19.96 -32.25 -2.46
CA ASP C 270 -19.22 -31.27 -1.66
C ASP C 270 -18.04 -30.70 -2.44
N ARG C 271 -17.41 -31.52 -3.29
CA ARG C 271 -16.34 -31.03 -4.13
C ARG C 271 -16.85 -29.99 -5.12
N ARG C 272 -18.01 -30.24 -5.75
CA ARG C 272 -18.61 -29.24 -6.64
C ARG C 272 -18.96 -27.96 -5.88
N GLN C 273 -19.48 -28.09 -4.66
CA GLN C 273 -19.82 -26.92 -3.86
C GLN C 273 -18.58 -26.10 -3.57
N LEU C 274 -17.45 -26.76 -3.29
CA LEU C 274 -16.23 -26.01 -3.01
C LEU C 274 -15.66 -25.39 -4.26
N ARG C 275 -15.80 -26.07 -5.41
CA ARG C 275 -15.33 -25.49 -6.66
C ARG C 275 -16.15 -24.24 -7.00
N ILE C 276 -17.44 -24.25 -6.71
CA ILE C 276 -18.26 -23.05 -6.92
C ILE C 276 -17.85 -21.95 -5.96
N SER C 277 -17.52 -22.31 -4.72
CA SER C 277 -17.09 -21.29 -3.76
C SER C 277 -15.80 -20.64 -4.22
N LEU C 278 -14.88 -21.44 -4.78
CA LEU C 278 -13.62 -20.93 -5.30
C LEU C 278 -13.86 -19.91 -6.41
N MET C 279 -14.68 -20.29 -7.41
CA MET C 279 -15.04 -19.36 -8.48
C MET C 279 -15.68 -18.10 -7.91
N ALA C 280 -16.59 -18.27 -6.94
CA ALA C 280 -17.28 -17.11 -6.40
C ALA C 280 -16.31 -16.21 -5.67
N ASN C 281 -15.38 -16.82 -4.92
CA ASN C 281 -14.38 -16.05 -4.20
C ASN C 281 -13.51 -15.23 -5.16
N GLN C 282 -13.16 -15.79 -6.31
CA GLN C 282 -12.40 -15.00 -7.27
C GLN C 282 -13.25 -13.89 -7.87
N ALA C 283 -14.50 -14.18 -8.24
CA ALA C 283 -15.37 -13.14 -8.80
C ALA C 283 -15.66 -12.06 -7.77
N LEU C 284 -15.84 -12.44 -6.51
CA LEU C 284 -16.07 -11.46 -5.45
C LEU C 284 -14.84 -10.61 -5.19
N GLY C 285 -13.66 -11.21 -5.22
CA GLY C 285 -12.45 -10.42 -5.04
C GLY C 285 -12.18 -9.49 -6.21
N ALA C 286 -12.49 -9.94 -7.43
CA ALA C 286 -12.39 -9.05 -8.59
C ALA C 286 -13.34 -7.87 -8.42
N GLU C 287 -14.57 -8.14 -8.00
CA GLU C 287 -15.54 -7.06 -7.82
C GLU C 287 -15.12 -6.12 -6.70
N TRP C 288 -14.49 -6.65 -5.65
CA TRP C 288 -13.99 -5.80 -4.57
C TRP C 288 -13.06 -4.72 -5.11
N GLN C 289 -12.38 -5.02 -6.23
CA GLN C 289 -11.35 -4.19 -6.85
C GLN C 289 -11.87 -3.34 -7.99
N ALA C 290 -13.02 -3.65 -8.56
CA ALA C 290 -13.49 -2.92 -9.73
C ALA C 290 -13.88 -1.48 -9.41
N GLY C 291 -13.99 -1.10 -8.15
CA GLY C 291 -14.32 0.26 -7.77
C GLY C 291 -15.80 0.54 -7.52
N GLY C 292 -16.67 -0.44 -7.77
CA GLY C 292 -18.09 -0.23 -7.58
C GLY C 292 -18.61 -0.53 -6.21
N LEU C 293 -17.75 -1.07 -5.34
CA LEU C 293 -18.13 -1.55 -4.02
C LEU C 293 -17.26 -0.91 -2.95
N ARG C 294 -17.84 -0.66 -1.80
CA ARG C 294 -17.14 -0.10 -0.65
C ARG C 294 -17.44 -0.98 0.56
N LEU C 295 -16.40 -1.33 1.32
CA LEU C 295 -16.57 -1.98 2.61
C LEU C 295 -16.44 -0.88 3.66
N GLY C 296 -17.55 -0.49 4.26
CA GLY C 296 -17.59 0.69 5.08
C GLY C 296 -17.94 0.38 6.52
N PHE C 297 -17.45 1.22 7.43
CA PHE C 297 -17.89 1.23 8.82
C PHE C 297 -18.63 2.55 9.05
N LEU C 298 -19.89 2.46 9.46
CA LEU C 298 -20.69 3.64 9.82
C LEU C 298 -20.99 3.63 11.29
N ARG C 299 -21.15 4.82 11.86
CA ARG C 299 -21.77 4.94 13.16
C ARG C 299 -22.81 6.04 13.09
N PHE C 300 -23.98 5.76 13.65
CA PHE C 300 -25.05 6.74 13.77
C PHE C 300 -25.33 6.93 15.26
N GLU C 301 -25.83 8.10 15.62
CA GLU C 301 -26.27 8.36 16.99
C GLU C 301 -27.73 8.80 16.99
N ARG C 302 -28.54 8.17 17.81
CA ARG C 302 -29.86 8.70 18.03
C ARG C 302 -29.67 10.03 18.77
N1 EPE D . -1.22 22.36 -2.65
C2 EPE D . -2.32 22.29 -1.65
C3 EPE D . -3.50 23.23 -1.92
N4 EPE D . -3.83 23.48 -3.30
C5 EPE D . -2.68 23.55 -4.19
C6 EPE D . -1.69 22.40 -4.03
C7 EPE D . -4.86 24.48 -3.57
C8 EPE D . -6.11 24.35 -2.71
O8 EPE D . -6.78 23.15 -3.04
C9 EPE D . -0.29 23.47 -2.35
C10 EPE D . 0.79 23.05 -1.36
S EPE D . 1.99 24.39 -1.06
O1S EPE D . 2.52 24.80 -2.37
O2S EPE D . 1.34 25.54 -0.46
O3S EPE D . 3.08 23.92 -0.22
C1 GOL E . -5.61 12.06 -30.25
O1 GOL E . -4.27 12.55 -30.24
C2 GOL E . -6.69 13.33 -30.25
O2 GOL E . -6.86 14.66 -29.84
C3 GOL E . -8.12 12.73 -30.65
O3 GOL E . -9.14 13.66 -30.31
C1 GOL F . -2.60 32.59 1.11
O1 GOL F . -2.65 33.97 1.37
C2 GOL F . -3.93 32.19 0.39
O2 GOL F . -3.83 32.22 -1.00
C3 GOL F . -4.30 30.77 0.95
O3 GOL F . -3.41 29.83 0.40
N LYS G . 24.72 -24.50 20.68
CA LYS G . 23.98 -23.98 21.82
C LYS G . 22.76 -23.18 21.37
O LYS G . 21.64 -23.70 21.33
CB LYS G . 24.89 -23.09 22.67
CG LYS G . 26.15 -23.74 23.16
CD LYS G . 26.42 -23.24 24.58
CE LYS G . 27.65 -23.86 25.21
NZ LYS G . 27.97 -23.16 26.50
N1 EPE H . 24.64 -11.75 -9.31
C2 EPE H . 25.08 -10.91 -8.19
C3 EPE H . 26.08 -11.79 -7.42
N4 EPE H . 25.68 -13.21 -7.29
C5 EPE H . 24.70 -13.78 -8.17
C6 EPE H . 23.76 -12.72 -8.69
C7 EPE H . 26.71 -14.17 -6.93
C8 EPE H . 26.38 -14.97 -5.67
O8 EPE H . 25.32 -15.88 -5.89
C9 EPE H . 23.79 -11.17 -10.37
C10 EPE H . 24.48 -10.12 -11.17
S EPE H . 25.25 -10.49 -12.76
O1S EPE H . 24.39 -9.99 -13.83
O2S EPE H . 26.51 -9.72 -12.61
O3S EPE H . 25.56 -11.90 -12.97
C1 GOL I . 19.26 5.72 -13.64
O1 GOL I . 19.50 6.93 -14.38
C2 GOL I . 19.70 5.96 -12.20
O2 GOL I . 19.95 4.77 -11.48
C3 GOL I . 20.92 6.86 -12.32
O3 GOL I . 21.47 6.98 -11.00
C1 EDO J . 41.35 -7.15 -10.75
O1 EDO J . 41.38 -6.53 -12.04
C2 EDO J . 41.59 -6.09 -9.68
O2 EDO J . 41.24 -4.81 -10.21
C1 EDO K . 30.18 -18.54 -14.62
O1 EDO K . 31.45 -18.77 -15.27
C2 EDO K . 30.36 -18.49 -13.10
O2 EDO K . 29.06 -18.34 -12.50
N LYS L . -31.96 11.41 17.96
CA LYS L . -31.59 12.53 18.81
C LYS L . -32.66 12.76 19.87
O LYS L . -32.35 12.95 21.03
CB LYS L . -31.38 13.80 17.98
CG LYS L . -30.59 13.58 16.71
CD LYS L . -31.13 14.45 15.58
CE LYS L . -32.50 13.96 15.11
NZ LYS L . -33.42 15.08 14.76
N1 EPE M . -18.14 -13.76 3.47
C2 EPE M . -19.00 -12.90 2.63
C3 EPE M . -20.46 -12.85 3.11
N4 EPE M . -20.61 -12.83 4.55
C5 EPE M . -19.73 -13.71 5.29
C6 EPE M . -18.27 -13.49 4.90
C7 EPE M . -21.94 -12.68 5.11
C8 EPE M . -22.93 -11.99 4.20
O8 EPE M . -22.72 -10.62 4.35
C9 EPE M . -18.33 -15.19 3.16
C10 EPE M . -17.40 -15.60 2.02
S EPE M . -17.50 -17.39 1.71
O1S EPE M . -18.77 -17.69 1.05
O2S EPE M . -16.42 -17.78 0.81
O3S EPE M . -17.41 -18.11 2.98
C1 GOL N . -19.79 7.63 -0.80
O1 GOL N . -19.57 6.24 -0.94
C2 GOL N . -18.83 8.14 0.34
O2 GOL N . -17.45 7.96 0.09
C3 GOL N . -19.31 7.45 1.60
O3 GOL N . -18.75 8.19 2.66
C1 EDO O . 0.04 -18.71 5.87
O1 EDO O . 0.65 -19.62 4.93
C2 EDO O . -0.78 -17.70 5.07
O2 EDO O . -1.50 -16.85 5.99
C1 GOL P . -1.86 -29.24 9.81
O1 GOL P . -2.36 -28.40 8.77
C2 GOL P . -0.99 -28.42 10.80
O2 GOL P . 0.30 -28.20 10.32
C3 GOL P . -1.72 -27.11 10.98
O3 GOL P . -1.33 -26.28 9.89
#